data_6X3L
#
_entry.id   6X3L
#
_cell.length_a   161.832
_cell.length_b   75.513
_cell.length_c   110.984
_cell.angle_alpha   90.000
_cell.angle_beta   127.010
_cell.angle_gamma   90.000
#
_symmetry.space_group_name_H-M   'C 1 2 1'
#
loop_
_entity.id
_entity.type
_entity.pdbx_description
1 polymer Sortilin
2 branched 2-acetamido-2-deoxy-beta-D-glucopyranose-(1-4)-2-acetamido-2-deoxy-beta-D-glucopyranose
3 non-polymer '1-benzyl-3-tert-butyl-1H-pyrazole-5-carboxylic acid'
4 non-polymer GLYCEROL
5 water water
#
_entity_poly.entity_id   1
_entity_poly.type   'polypeptide(L)'
_entity_poly.pdbx_seq_one_letter_code
;MERPWGAADGLSRWPHGLGLLLLLQLLPPSTLSQDRLDAPPPPAAPLPRWSGPIGVSWGLRAAAAGGAFPRGGRWRRSAP
GEDEECGRVRDFVAKLANNTHQHVFDDLRGSVSLSWVGDSTGVILVLTTFHVPLVIMTFGQSKLYRSEDYGKNFKDITDL
INNTFIRTEFGMAIGPENSGKVVLTAEVSGGSRGGRIFRSSDFAKNFVQTDLPFHPLTQMMYSPQNSDYLLALSTENGLW
VSKNFGGKWEEIHKAVCLAKWGSDNTIFFTTYANGSCKADLGALELWRTSDLGKSFKTIGVKIYSFGLGGRFLFASVMAD
KDTTRRIHVSTDQGDTWSMAQLPSVGQEQFYSILAANDDMVFMHVDEPGDTGFGTIFTSDDRGIVYSKSLDRHLYTTTGG
ETDFTNVTSLRGVYITSVLSEDNSIQTMITFDQGGRWTHLRKPENSECDATAKNKNECSLHIHASYSISQKLNVPMAPLS
EPNAVGIVIAHGSVGDAISVMVPDVYISDDGGYSWTKMLEGPHYYTILDSGGIIVAIEHSSRPINVIKFSTDEGQCWQTY
TFTRDPIYFTGLASEPGARSMNISIWGFTESFLTSQWVSYTIDFKDILERNCEEKDYTIWLAHSTDPEDYEDGCILGYKE
QFLRLRKSSMCQNGRDYVVTKQPSICLCSLEDFLCDFGYYRPENDSKCVEQPELKGHDLEFCLYGREEHLTTNGYRKIPG
DKCQGGVNPVREVKDLKKKCTSNFLSPEKQNSKSNSHHHHHH
;
_entity_poly.pdbx_strand_id   A
#
loop_
_chem_comp.id
_chem_comp.type
_chem_comp.name
_chem_comp.formula
GOL non-polymer GLYCEROL 'C3 H8 O3'
NAG D-saccharide, beta linking 2-acetamido-2-deoxy-beta-D-glucopyranose 'C8 H15 N O6'
UMJ non-polymer '1-benzyl-3-tert-butyl-1H-pyrazole-5-carboxylic acid' 'C15 H18 N2 O2'
#
# COMPACT_ATOMS: atom_id res chain seq x y z
N CYS A 86 22.06 14.08 -27.44
CA CYS A 86 21.48 13.84 -26.11
C CYS A 86 22.20 12.73 -25.33
N GLY A 87 22.64 11.67 -26.03
CA GLY A 87 23.35 10.52 -25.46
C GLY A 87 22.51 9.27 -25.37
N ARG A 88 23.10 8.10 -25.75
CA ARG A 88 22.49 6.75 -25.74
C ARG A 88 23.56 5.63 -25.47
N VAL A 89 23.11 4.36 -25.33
CA VAL A 89 23.95 3.16 -25.08
C VAL A 89 24.42 2.56 -26.43
N ARG A 90 25.69 2.11 -26.48
CA ARG A 90 26.31 1.53 -27.68
C ARG A 90 26.29 -0.02 -27.67
N ASP A 91 26.30 -0.65 -28.88
CA ASP A 91 26.30 -2.11 -29.12
C ASP A 91 25.38 -2.91 -28.17
N PHE A 92 24.30 -2.25 -27.74
CA PHE A 92 23.32 -2.76 -26.78
C PHE A 92 22.57 -4.03 -27.23
N VAL A 93 22.31 -4.18 -28.54
CA VAL A 93 21.58 -5.34 -29.06
C VAL A 93 22.35 -6.63 -28.74
N ALA A 94 23.68 -6.60 -28.89
CA ALA A 94 24.58 -7.70 -28.60
C ALA A 94 24.48 -8.07 -27.12
N LYS A 95 24.76 -7.07 -26.24
CA LYS A 95 24.75 -7.09 -24.76
C LYS A 95 23.49 -7.73 -24.15
N LEU A 96 22.34 -7.59 -24.84
CA LEU A 96 21.04 -8.11 -24.44
C LEU A 96 20.64 -9.38 -25.17
N ALA A 97 21.16 -9.59 -26.42
CA ALA A 97 20.84 -10.75 -27.29
C ALA A 97 20.99 -12.09 -26.60
N ASN A 98 22.20 -12.39 -26.08
CA ASN A 98 22.51 -13.63 -25.37
C ASN A 98 21.89 -13.67 -23.95
N ASN A 99 21.48 -12.47 -23.43
CA ASN A 99 20.87 -12.27 -22.13
C ASN A 99 19.33 -12.31 -22.17
N THR A 100 18.73 -12.79 -23.28
CA THR A 100 17.29 -12.90 -23.46
C THR A 100 16.91 -14.38 -23.40
N HIS A 101 16.42 -14.81 -22.25
CA HIS A 101 16.07 -16.21 -21.97
C HIS A 101 14.58 -16.48 -22.03
N GLN A 102 14.18 -17.18 -23.11
CA GLN A 102 12.81 -17.60 -23.40
C GLN A 102 12.50 -18.89 -22.65
N HIS A 103 11.22 -19.11 -22.37
CA HIS A 103 10.72 -20.32 -21.72
C HIS A 103 9.23 -20.43 -22.00
N VAL A 104 8.82 -21.57 -22.60
CA VAL A 104 7.44 -21.83 -22.96
C VAL A 104 6.72 -22.60 -21.85
N PHE A 105 5.41 -22.40 -21.72
CA PHE A 105 4.63 -23.06 -20.69
C PHE A 105 3.54 -23.95 -21.32
N ASP A 106 4.02 -25.13 -21.82
CA ASP A 106 3.32 -26.24 -22.52
C ASP A 106 1.82 -26.40 -22.15
N ASP A 107 1.53 -26.68 -20.86
CA ASP A 107 0.17 -26.83 -20.34
C ASP A 107 -0.12 -25.61 -19.49
N LEU A 108 -0.83 -24.64 -20.09
CA LEU A 108 -1.24 -23.40 -19.41
C LEU A 108 -2.59 -22.89 -19.92
N ARG A 109 -3.49 -22.60 -18.94
CA ARG A 109 -4.87 -22.06 -19.02
C ARG A 109 -5.46 -22.02 -17.59
N GLY A 110 -6.46 -21.16 -17.41
CA GLY A 110 -7.15 -20.96 -16.14
C GLY A 110 -6.46 -19.95 -15.25
N SER A 111 -6.57 -20.14 -13.91
CA SER A 111 -5.94 -19.23 -12.95
C SER A 111 -4.45 -19.51 -12.88
N VAL A 112 -3.68 -18.59 -13.50
CA VAL A 112 -2.23 -18.65 -13.60
C VAL A 112 -1.58 -17.62 -12.67
N SER A 113 -1.21 -18.07 -11.44
CA SER A 113 -0.57 -17.30 -10.37
C SER A 113 0.94 -17.20 -10.55
N LEU A 114 1.57 -16.25 -9.86
CA LEU A 114 3.03 -16.05 -9.84
C LEU A 114 3.40 -15.63 -8.40
N SER A 115 4.50 -16.18 -7.88
CA SER A 115 4.96 -15.88 -6.52
C SER A 115 6.46 -15.81 -6.42
N TRP A 116 6.97 -14.85 -5.69
CA TRP A 116 8.40 -14.78 -5.50
C TRP A 116 8.58 -15.37 -4.13
N VAL A 117 9.67 -16.12 -3.92
CA VAL A 117 9.94 -16.77 -2.63
C VAL A 117 11.32 -16.30 -2.11
N GLY A 118 11.28 -15.40 -1.11
CA GLY A 118 12.44 -14.78 -0.48
C GLY A 118 13.23 -13.82 -1.34
N ASP A 119 13.94 -12.91 -0.70
CA ASP A 119 14.77 -11.94 -1.39
C ASP A 119 16.12 -12.57 -1.68
N SER A 120 16.72 -12.19 -2.82
CA SER A 120 18.04 -12.64 -3.28
C SER A 120 18.10 -14.17 -3.32
N THR A 121 17.12 -14.80 -3.99
CA THR A 121 17.04 -16.26 -4.13
C THR A 121 16.78 -16.59 -5.60
N GLY A 122 16.02 -15.74 -6.30
CA GLY A 122 15.64 -15.97 -7.69
C GLY A 122 14.49 -16.93 -7.84
N VAL A 123 13.88 -17.35 -6.70
CA VAL A 123 12.79 -18.31 -6.69
C VAL A 123 11.47 -17.70 -7.09
N ILE A 124 10.90 -18.25 -8.17
CA ILE A 124 9.61 -17.89 -8.76
C ILE A 124 8.74 -19.16 -8.82
N LEU A 125 7.49 -19.07 -8.39
CA LEU A 125 6.57 -20.17 -8.44
C LEU A 125 5.37 -19.77 -9.24
N VAL A 126 5.19 -20.42 -10.41
CA VAL A 126 4.06 -20.22 -11.33
C VAL A 126 3.09 -21.37 -11.07
N LEU A 127 1.80 -21.10 -10.95
CA LEU A 127 0.79 -22.12 -10.69
C LEU A 127 -0.47 -21.90 -11.54
N THR A 128 -0.75 -22.87 -12.41
CA THR A 128 -1.90 -22.88 -13.33
C THR A 128 -2.93 -23.91 -12.88
N THR A 129 -4.22 -23.61 -13.03
CA THR A 129 -5.32 -24.52 -12.67
C THR A 129 -6.30 -24.60 -13.85
N PHE A 130 -6.72 -25.82 -14.25
CA PHE A 130 -7.65 -26.04 -15.37
C PHE A 130 -8.99 -26.61 -14.88
N HIS A 131 -10.12 -26.21 -15.51
CA HIS A 131 -11.46 -26.70 -15.14
C HIS A 131 -12.15 -27.49 -16.28
N VAL A 132 -12.25 -28.84 -16.10
CA VAL A 132 -12.85 -29.80 -17.05
C VAL A 132 -14.31 -29.43 -17.37
N GLY A 140 -9.83 -29.85 -12.84
CA GLY A 140 -9.23 -31.17 -13.07
C GLY A 140 -7.76 -31.27 -12.69
N GLN A 141 -6.88 -30.65 -13.52
CA GLN A 141 -5.41 -30.66 -13.34
C GLN A 141 -4.82 -29.30 -12.94
N SER A 142 -3.71 -29.35 -12.17
CA SER A 142 -2.96 -28.19 -11.68
C SER A 142 -1.48 -28.30 -12.06
N LYS A 143 -0.94 -27.31 -12.82
CA LYS A 143 0.48 -27.30 -13.21
C LYS A 143 1.33 -26.38 -12.29
N LEU A 144 2.50 -26.84 -11.82
CA LEU A 144 3.37 -26.06 -10.95
C LEU A 144 4.81 -25.99 -11.47
N TYR A 145 5.27 -24.78 -11.77
CA TYR A 145 6.61 -24.52 -12.32
C TYR A 145 7.43 -23.80 -11.25
N ARG A 146 8.73 -24.01 -11.24
CA ARG A 146 9.64 -23.41 -10.27
C ARG A 146 10.87 -22.87 -10.97
N SER A 147 11.41 -21.75 -10.47
CA SER A 147 12.63 -21.15 -11.01
C SER A 147 13.58 -20.87 -9.85
N GLU A 148 14.85 -20.70 -10.18
CA GLU A 148 15.89 -20.44 -9.18
C GLU A 148 16.83 -19.43 -9.79
N ASP A 149 16.54 -19.01 -11.03
CA ASP A 149 17.36 -18.08 -11.78
C ASP A 149 16.64 -16.81 -12.28
N TYR A 150 15.76 -16.24 -11.43
CA TYR A 150 15.00 -15.01 -11.71
C TYR A 150 14.05 -15.17 -12.94
N GLY A 151 13.46 -16.37 -13.05
CA GLY A 151 12.51 -16.74 -14.08
C GLY A 151 13.03 -16.96 -15.47
N LYS A 152 14.36 -17.11 -15.66
CA LYS A 152 14.99 -17.38 -16.96
C LYS A 152 14.67 -18.82 -17.36
N ASN A 153 14.76 -19.77 -16.39
CA ASN A 153 14.44 -21.18 -16.60
C ASN A 153 13.51 -21.72 -15.51
N PHE A 154 12.50 -22.48 -15.93
CA PHE A 154 11.53 -23.13 -15.05
C PHE A 154 11.62 -24.66 -15.18
N LYS A 155 11.41 -25.37 -14.07
CA LYS A 155 11.47 -26.81 -14.00
C LYS A 155 10.16 -27.37 -13.45
N ASP A 156 9.31 -27.93 -14.34
CA ASP A 156 7.99 -28.51 -14.02
C ASP A 156 8.02 -29.49 -12.83
N ILE A 157 7.51 -29.02 -11.69
CA ILE A 157 7.46 -29.77 -10.44
C ILE A 157 6.01 -30.21 -10.05
N THR A 158 5.10 -30.40 -11.04
CA THR A 158 3.70 -30.84 -10.81
C THR A 158 3.69 -32.20 -10.04
N ASP A 159 4.78 -32.96 -10.21
CA ASP A 159 5.09 -34.25 -9.60
C ASP A 159 5.21 -34.09 -8.08
N LEU A 160 5.86 -32.98 -7.61
CA LEU A 160 6.07 -32.64 -6.19
C LEU A 160 4.77 -32.42 -5.43
N ILE A 161 3.70 -32.02 -6.16
CA ILE A 161 2.37 -31.81 -5.59
C ILE A 161 1.48 -33.03 -5.90
N ASN A 162 2.13 -34.23 -5.96
CA ASN A 162 1.56 -35.58 -6.22
C ASN A 162 0.40 -35.53 -7.25
N ASN A 163 0.60 -34.69 -8.29
CA ASN A 163 -0.30 -34.41 -9.41
C ASN A 163 -1.77 -34.29 -8.95
N THR A 164 -2.00 -33.37 -8.01
CA THR A 164 -3.31 -33.08 -7.41
C THR A 164 -3.83 -31.74 -7.94
N PHE A 165 -5.08 -31.39 -7.58
CA PHE A 165 -5.70 -30.14 -7.99
C PHE A 165 -5.71 -29.14 -6.85
N ILE A 166 -5.10 -27.96 -7.09
CA ILE A 166 -4.98 -26.87 -6.12
C ILE A 166 -6.07 -25.80 -6.33
N ARG A 167 -6.64 -25.31 -5.22
CA ARG A 167 -7.66 -24.26 -5.18
C ARG A 167 -6.99 -22.88 -5.11
N THR A 168 -6.87 -22.18 -6.28
CA THR A 168 -6.24 -20.86 -6.44
C THR A 168 -6.85 -19.73 -5.60
N GLU A 169 -8.05 -19.96 -5.01
CA GLU A 169 -8.77 -19.04 -4.13
C GLU A 169 -7.88 -18.75 -2.92
N PHE A 170 -7.19 -19.79 -2.42
CA PHE A 170 -6.27 -19.68 -1.31
C PHE A 170 -4.90 -19.22 -1.78
N GLY A 171 -4.54 -19.58 -3.01
CA GLY A 171 -3.26 -19.23 -3.61
C GLY A 171 -2.07 -19.85 -2.90
N MET A 172 -0.88 -19.33 -3.22
CA MET A 172 0.37 -19.80 -2.62
C MET A 172 0.68 -18.93 -1.42
N ALA A 173 0.35 -19.44 -0.21
CA ALA A 173 0.61 -18.75 1.06
C ALA A 173 2.12 -18.82 1.31
N ILE A 174 2.85 -17.71 1.01
CA ILE A 174 4.31 -17.55 1.14
C ILE A 174 4.70 -16.97 2.50
N GLY A 175 5.74 -17.55 3.08
CA GLY A 175 6.29 -17.17 4.38
C GLY A 175 7.01 -15.85 4.40
N PRO A 176 7.05 -15.20 5.59
CA PRO A 176 7.72 -13.90 5.70
C PRO A 176 9.22 -13.94 5.40
N GLU A 177 9.83 -12.75 5.21
CA GLU A 177 11.26 -12.55 4.91
C GLU A 177 11.83 -13.70 4.05
N ASN A 178 12.91 -14.37 4.49
CA ASN A 178 13.50 -15.52 3.76
C ASN A 178 13.27 -16.87 4.48
N SER A 179 12.05 -17.07 5.04
CA SER A 179 11.70 -18.30 5.71
C SER A 179 11.69 -19.51 4.74
N GLY A 180 11.25 -19.26 3.50
CA GLY A 180 11.18 -20.27 2.45
C GLY A 180 9.92 -21.09 2.48
N LYS A 181 9.05 -20.78 3.43
CA LYS A 181 7.79 -21.47 3.62
C LYS A 181 6.78 -21.12 2.51
N VAL A 182 6.10 -22.17 1.99
CA VAL A 182 5.13 -22.15 0.90
C VAL A 182 4.00 -23.11 1.25
N VAL A 183 2.76 -22.64 1.24
CA VAL A 183 1.60 -23.48 1.53
C VAL A 183 0.64 -23.40 0.33
N LEU A 184 0.25 -24.55 -0.21
CA LEU A 184 -0.67 -24.69 -1.34
C LEU A 184 -1.91 -25.41 -0.80
N THR A 185 -3.11 -24.96 -1.16
CA THR A 185 -4.31 -25.61 -0.65
C THR A 185 -5.00 -26.44 -1.76
N ALA A 186 -4.94 -27.78 -1.60
CA ALA A 186 -5.52 -28.76 -2.52
C ALA A 186 -7.03 -28.97 -2.35
N GLU A 187 -7.72 -29.22 -3.50
CA GLU A 187 -9.14 -29.51 -3.66
C GLU A 187 -9.34 -30.99 -3.26
N VAL A 188 -10.21 -31.25 -2.27
CA VAL A 188 -10.52 -32.59 -1.74
C VAL A 188 -11.91 -33.08 -2.13
N SER A 189 -12.08 -34.44 -2.09
CA SER A 189 -13.33 -35.16 -2.36
C SER A 189 -14.42 -34.61 -1.40
N GLY A 190 -15.64 -34.45 -1.90
CA GLY A 190 -16.79 -33.93 -1.16
C GLY A 190 -17.07 -34.54 0.21
N GLY A 191 -16.85 -35.84 0.36
CA GLY A 191 -17.07 -36.57 1.59
C GLY A 191 -16.16 -36.21 2.75
N SER A 192 -14.85 -35.98 2.43
CA SER A 192 -13.71 -35.65 3.30
C SER A 192 -14.00 -35.11 4.70
N ARG A 193 -13.17 -35.55 5.66
CA ARG A 193 -13.24 -35.14 7.06
C ARG A 193 -12.69 -33.69 7.19
N GLY A 194 -11.63 -33.42 6.44
CA GLY A 194 -10.96 -32.13 6.38
C GLY A 194 -10.24 -31.89 5.06
N GLY A 195 -9.67 -30.70 4.92
CA GLY A 195 -8.94 -30.30 3.72
C GLY A 195 -7.56 -30.92 3.66
N ARG A 196 -6.79 -30.55 2.63
CA ARG A 196 -5.42 -31.04 2.42
C ARG A 196 -4.54 -29.89 1.91
N ILE A 197 -3.30 -29.82 2.41
CA ILE A 197 -2.32 -28.79 2.06
C ILE A 197 -0.95 -29.36 1.70
N PHE A 198 -0.18 -28.62 0.89
CA PHE A 198 1.18 -29.00 0.52
C PHE A 198 2.07 -27.97 1.16
N ARG A 199 3.12 -28.42 1.82
CA ARG A 199 4.00 -27.48 2.49
C ARG A 199 5.43 -27.72 2.18
N SER A 200 6.12 -26.64 1.87
CA SER A 200 7.54 -26.61 1.57
C SER A 200 8.09 -25.57 2.52
N SER A 201 9.26 -25.82 3.12
CA SER A 201 9.91 -24.87 4.03
C SER A 201 11.34 -24.67 3.55
N ASP A 202 11.58 -25.13 2.31
CA ASP A 202 12.89 -25.10 1.68
C ASP A 202 12.84 -24.47 0.30
N PHE A 203 12.01 -23.41 0.15
CA PHE A 203 11.88 -22.67 -1.12
C PHE A 203 11.42 -23.56 -2.29
N ALA A 204 10.35 -24.34 -2.04
CA ALA A 204 9.71 -25.26 -3.00
C ALA A 204 10.61 -26.38 -3.57
N LYS A 205 11.70 -26.76 -2.87
CA LYS A 205 12.54 -27.86 -3.37
C LYS A 205 11.91 -29.22 -2.99
N ASN A 206 11.32 -29.33 -1.76
CA ASN A 206 10.66 -30.55 -1.26
C ASN A 206 9.34 -30.24 -0.56
N PHE A 207 8.25 -30.89 -1.00
CA PHE A 207 6.90 -30.69 -0.45
C PHE A 207 6.38 -31.86 0.37
N VAL A 208 5.64 -31.54 1.43
CA VAL A 208 5.02 -32.48 2.37
C VAL A 208 3.50 -32.40 2.19
N GLN A 209 2.87 -33.53 1.85
CA GLN A 209 1.42 -33.57 1.71
C GLN A 209 0.89 -33.76 3.14
N THR A 210 -0.05 -32.89 3.58
CA THR A 210 -0.58 -32.96 4.95
C THR A 210 -2.10 -32.74 4.96
N ASP A 211 -2.82 -33.76 5.41
CA ASP A 211 -4.27 -33.74 5.51
C ASP A 211 -4.62 -32.93 6.77
N LEU A 212 -5.80 -32.31 6.82
CA LEU A 212 -6.15 -31.43 7.94
C LEU A 212 -7.39 -31.85 8.75
N PRO A 213 -7.43 -31.51 10.07
CA PRO A 213 -8.60 -31.86 10.89
C PRO A 213 -9.80 -30.95 10.70
N PHE A 214 -9.83 -30.19 9.59
CA PHE A 214 -10.87 -29.23 9.24
C PHE A 214 -10.71 -28.76 7.80
N HIS A 215 -11.72 -28.06 7.29
CA HIS A 215 -11.67 -27.51 5.94
C HIS A 215 -11.39 -26.01 6.06
N PRO A 216 -10.36 -25.47 5.38
CA PRO A 216 -10.10 -24.03 5.50
C PRO A 216 -11.09 -23.19 4.70
N LEU A 217 -11.40 -22.01 5.26
CA LEU A 217 -12.28 -20.97 4.72
C LEU A 217 -11.40 -19.79 4.27
N THR A 218 -10.25 -19.59 4.95
CA THR A 218 -9.29 -18.53 4.67
C THR A 218 -7.92 -19.10 4.31
N GLN A 219 -7.03 -18.23 3.78
CA GLN A 219 -5.66 -18.60 3.45
C GLN A 219 -4.96 -18.68 4.82
N MET A 220 -3.94 -19.52 4.94
CA MET A 220 -3.24 -19.63 6.22
C MET A 220 -2.34 -18.44 6.48
N MET A 221 -2.52 -17.86 7.65
CA MET A 221 -1.78 -16.68 8.03
C MET A 221 -0.57 -17.01 8.85
N TYR A 222 0.62 -16.72 8.32
CA TYR A 222 1.93 -16.90 8.95
C TYR A 222 2.07 -15.84 10.06
N SER A 223 2.82 -16.14 11.13
CA SER A 223 3.00 -15.16 12.19
C SER A 223 4.22 -14.26 11.85
N PRO A 224 4.08 -12.91 12.05
CA PRO A 224 5.20 -12.01 11.76
C PRO A 224 6.48 -12.36 12.52
N GLN A 225 6.35 -12.57 13.85
CA GLN A 225 7.45 -12.94 14.72
C GLN A 225 8.02 -14.36 14.38
N ASN A 226 7.12 -15.40 14.34
CA ASN A 226 7.45 -16.81 14.09
C ASN A 226 6.84 -17.34 12.80
N SER A 227 7.68 -17.62 11.78
CA SER A 227 7.21 -18.14 10.50
C SER A 227 6.64 -19.56 10.59
N ASP A 228 6.92 -20.29 11.71
CA ASP A 228 6.43 -21.65 11.95
C ASP A 228 5.04 -21.65 12.57
N TYR A 229 4.55 -20.46 13.01
CA TYR A 229 3.22 -20.36 13.62
C TYR A 229 2.22 -19.90 12.56
N LEU A 230 1.13 -20.65 12.42
CA LEU A 230 0.07 -20.36 11.45
C LEU A 230 -1.28 -20.35 12.12
N LEU A 231 -2.21 -19.64 11.50
CA LEU A 231 -3.59 -19.58 11.96
C LEU A 231 -4.48 -19.67 10.73
N ALA A 232 -5.71 -20.15 10.91
CA ALA A 232 -6.68 -20.30 9.83
C ALA A 232 -8.08 -20.37 10.41
N LEU A 233 -9.07 -20.10 9.55
CA LEU A 233 -10.48 -20.14 9.89
C LEU A 233 -11.08 -21.35 9.18
N SER A 234 -11.75 -22.23 9.95
CA SER A 234 -12.41 -23.41 9.41
C SER A 234 -13.72 -22.96 8.72
N THR A 235 -14.23 -23.80 7.82
CA THR A 235 -15.48 -23.57 7.10
C THR A 235 -16.66 -23.53 8.08
N GLU A 236 -16.45 -24.12 9.28
CA GLU A 236 -17.35 -24.23 10.44
C GLU A 236 -17.21 -23.02 11.40
N ASN A 237 -16.33 -22.04 11.02
CA ASN A 237 -16.01 -20.79 11.73
C ASN A 237 -15.30 -21.01 13.07
N GLY A 238 -14.26 -21.83 13.02
CA GLY A 238 -13.43 -22.12 14.19
C GLY A 238 -12.01 -21.68 13.96
N LEU A 239 -11.36 -21.13 15.01
CA LEU A 239 -9.98 -20.67 14.94
C LEU A 239 -9.01 -21.78 15.29
N TRP A 240 -8.29 -22.26 14.27
CA TRP A 240 -7.30 -23.33 14.37
C TRP A 240 -5.91 -22.73 14.31
N VAL A 241 -4.96 -23.25 15.12
CA VAL A 241 -3.58 -22.73 15.18
C VAL A 241 -2.54 -23.85 15.12
N SER A 242 -1.50 -23.70 14.26
CA SER A 242 -0.40 -24.64 14.11
C SER A 242 0.88 -24.02 14.63
N LYS A 243 1.54 -24.72 15.56
CA LYS A 243 2.76 -24.30 16.20
C LYS A 243 3.99 -24.85 15.46
N ASN A 244 3.77 -25.75 14.46
CA ASN A 244 4.83 -26.44 13.71
C ASN A 244 4.83 -26.35 12.15
N PHE A 245 4.24 -25.28 11.60
CA PHE A 245 4.13 -25.02 10.16
C PHE A 245 3.22 -26.04 9.45
N GLY A 246 1.94 -26.09 9.86
CA GLY A 246 0.92 -26.93 9.25
C GLY A 246 0.76 -28.39 9.65
N GLY A 247 1.78 -28.99 10.25
CA GLY A 247 1.75 -30.40 10.67
C GLY A 247 0.67 -30.73 11.67
N LYS A 248 0.65 -30.02 12.80
CA LYS A 248 -0.31 -30.23 13.89
C LYS A 248 -1.16 -29.01 14.17
N TRP A 249 -2.49 -29.14 14.01
CA TRP A 249 -3.47 -28.08 14.24
C TRP A 249 -4.31 -28.35 15.47
N GLU A 250 -4.91 -27.30 16.07
CA GLU A 250 -5.76 -27.40 17.25
C GLU A 250 -6.72 -26.22 17.29
N GLU A 251 -8.04 -26.50 17.36
CA GLU A 251 -9.07 -25.48 17.40
C GLU A 251 -8.99 -24.74 18.75
N ILE A 252 -8.25 -23.62 18.80
CA ILE A 252 -8.07 -22.82 20.02
C ILE A 252 -9.38 -22.14 20.50
N HIS A 253 -10.29 -21.80 19.56
CA HIS A 253 -11.56 -21.15 19.87
C HIS A 253 -12.56 -21.42 18.77
N LYS A 254 -13.86 -21.48 19.12
CA LYS A 254 -14.85 -21.79 18.11
C LYS A 254 -15.35 -20.54 17.34
N ALA A 255 -16.64 -20.16 17.42
CA ALA A 255 -17.36 -19.08 16.72
C ALA A 255 -16.60 -17.73 16.45
N VAL A 256 -15.65 -17.75 15.48
CA VAL A 256 -14.84 -16.59 15.05
C VAL A 256 -15.19 -16.08 13.65
N CYS A 257 -15.07 -14.76 13.41
CA CYS A 257 -15.36 -14.15 12.10
C CYS A 257 -14.11 -13.60 11.43
N LEU A 258 -13.18 -13.09 12.25
CA LEU A 258 -11.93 -12.49 11.78
C LEU A 258 -10.86 -12.62 12.88
N ALA A 259 -9.67 -13.10 12.52
CA ALA A 259 -8.53 -13.26 13.41
C ALA A 259 -7.27 -12.66 12.79
N LYS A 260 -6.45 -11.95 13.59
CA LYS A 260 -5.23 -11.29 13.09
C LYS A 260 -4.03 -11.53 13.93
N TRP A 261 -2.90 -11.67 13.27
CA TRP A 261 -1.61 -11.86 13.92
C TRP A 261 -1.09 -10.48 14.29
N GLY A 262 -0.85 -10.29 15.57
CA GLY A 262 -0.29 -9.07 16.12
C GLY A 262 1.20 -9.20 16.28
N SER A 263 1.79 -8.26 17.02
CA SER A 263 3.22 -8.24 17.32
C SER A 263 3.53 -9.31 18.37
N ASP A 264 4.68 -9.99 18.21
CA ASP A 264 5.15 -11.05 19.11
C ASP A 264 4.08 -12.11 19.42
N ASN A 265 3.79 -12.93 18.39
CA ASN A 265 2.87 -14.07 18.34
C ASN A 265 1.50 -13.90 19.10
N THR A 266 1.00 -12.66 19.20
CA THR A 266 -0.30 -12.38 19.82
C THR A 266 -1.37 -12.46 18.71
N ILE A 267 -2.60 -12.90 19.05
CA ILE A 267 -3.70 -12.99 18.09
C ILE A 267 -4.87 -12.20 18.66
N PHE A 268 -5.66 -11.58 17.77
CA PHE A 268 -6.87 -10.82 18.08
C PHE A 268 -7.98 -11.45 17.23
N PHE A 269 -9.25 -11.48 17.71
CA PHE A 269 -10.33 -12.07 16.91
C PHE A 269 -11.71 -11.66 17.33
N THR A 270 -12.64 -11.58 16.36
CA THR A 270 -14.03 -11.26 16.61
C THR A 270 -14.83 -12.55 16.76
N THR A 271 -15.61 -12.66 17.86
CA THR A 271 -16.41 -13.83 18.25
C THR A 271 -17.90 -13.52 18.38
N TYR A 272 -18.75 -14.24 17.60
CA TYR A 272 -20.22 -14.10 17.62
C TYR A 272 -20.85 -15.12 18.58
N ALA A 273 -21.97 -14.75 19.21
CA ALA A 273 -22.69 -15.61 20.17
C ALA A 273 -23.98 -16.23 19.61
N ASN A 274 -24.88 -15.38 19.04
CA ASN A 274 -26.17 -15.78 18.45
C ASN A 274 -25.98 -16.59 17.16
N GLY A 275 -26.71 -16.21 16.11
CA GLY A 275 -26.68 -16.87 14.81
C GLY A 275 -25.35 -16.95 14.10
N SER A 276 -25.07 -15.98 13.22
CA SER A 276 -23.85 -15.95 12.41
C SER A 276 -23.02 -14.69 12.69
N CYS A 277 -22.14 -14.34 11.73
CA CYS A 277 -21.27 -13.18 11.78
C CYS A 277 -22.06 -11.97 11.29
N LYS A 278 -22.87 -12.18 10.22
CA LYS A 278 -23.74 -11.18 9.62
C LYS A 278 -24.93 -10.87 10.54
N ALA A 279 -25.28 -11.82 11.43
CA ALA A 279 -26.39 -11.67 12.38
C ALA A 279 -26.01 -10.81 13.57
N ASP A 280 -24.81 -11.07 14.13
CA ASP A 280 -24.26 -10.34 15.28
C ASP A 280 -23.40 -9.13 14.89
N LEU A 281 -23.74 -8.49 13.75
CA LEU A 281 -23.07 -7.30 13.22
C LEU A 281 -23.25 -6.14 14.20
N GLY A 282 -22.15 -5.74 14.83
CA GLY A 282 -22.11 -4.67 15.83
C GLY A 282 -22.42 -5.17 17.23
N ALA A 283 -22.46 -6.50 17.39
CA ALA A 283 -22.74 -7.17 18.66
C ALA A 283 -21.58 -8.06 19.06
N LEU A 284 -20.67 -8.32 18.12
CA LEU A 284 -19.46 -9.16 18.31
C LEU A 284 -18.60 -8.77 19.51
N GLU A 285 -17.81 -9.74 19.99
CA GLU A 285 -16.90 -9.54 21.10
C GLU A 285 -15.51 -9.67 20.52
N LEU A 286 -14.58 -8.84 21.01
CA LEU A 286 -13.20 -8.86 20.54
C LEU A 286 -12.32 -9.52 21.61
N TRP A 287 -11.62 -10.57 21.20
CA TRP A 287 -10.78 -11.33 22.10
C TRP A 287 -9.30 -11.29 21.72
N ARG A 288 -8.44 -11.60 22.68
CA ARG A 288 -7.01 -11.59 22.51
C ARG A 288 -6.41 -12.85 23.12
N THR A 289 -5.28 -13.35 22.59
CA THR A 289 -4.58 -14.53 23.10
C THR A 289 -3.07 -14.34 22.93
N SER A 290 -2.41 -14.13 24.05
CA SER A 290 -0.98 -13.88 24.11
C SER A 290 -0.14 -15.16 24.03
N ASP A 291 -0.72 -16.30 24.47
CA ASP A 291 -0.09 -17.62 24.57
C ASP A 291 -0.59 -18.70 23.60
N LEU A 292 -1.18 -18.28 22.47
CA LEU A 292 -1.69 -19.17 21.42
C LEU A 292 -2.81 -20.10 21.93
N GLY A 293 -3.87 -19.49 22.44
CA GLY A 293 -5.05 -20.19 22.93
C GLY A 293 -5.09 -20.63 24.38
N LYS A 294 -3.94 -20.61 25.10
CA LYS A 294 -3.89 -21.03 26.51
C LYS A 294 -4.76 -20.16 27.41
N SER A 295 -4.72 -18.83 27.22
CA SER A 295 -5.48 -17.80 27.95
C SER A 295 -6.16 -16.84 26.98
N PHE A 296 -7.26 -16.23 27.42
CA PHE A 296 -8.01 -15.25 26.64
C PHE A 296 -8.50 -14.08 27.50
N LYS A 297 -8.74 -12.93 26.84
CA LYS A 297 -9.25 -11.69 27.43
C LYS A 297 -10.21 -11.00 26.46
N THR A 298 -11.41 -10.67 26.93
CA THR A 298 -12.38 -9.97 26.11
C THR A 298 -12.04 -8.50 26.18
N ILE A 299 -11.32 -8.00 25.15
CA ILE A 299 -10.85 -6.62 25.03
C ILE A 299 -11.89 -5.73 24.32
N GLY A 300 -12.99 -6.33 23.88
CA GLY A 300 -14.06 -5.59 23.21
C GLY A 300 -15.41 -6.24 23.29
N VAL A 301 -16.46 -5.43 23.21
CA VAL A 301 -17.88 -5.81 23.24
C VAL A 301 -18.64 -4.81 22.36
N LYS A 302 -19.79 -5.21 21.75
CA LYS A 302 -20.59 -4.36 20.86
C LYS A 302 -19.70 -3.81 19.69
N ILE A 303 -18.84 -4.71 19.14
CA ILE A 303 -17.85 -4.48 18.07
C ILE A 303 -18.44 -4.67 16.67
N TYR A 304 -18.14 -3.75 15.75
CA TYR A 304 -18.56 -3.88 14.36
C TYR A 304 -17.38 -4.55 13.60
N SER A 305 -16.13 -4.04 13.78
CA SER A 305 -14.92 -4.54 13.16
C SER A 305 -13.68 -4.09 13.95
N PHE A 306 -12.51 -4.57 13.56
CA PHE A 306 -11.27 -4.22 14.21
C PHE A 306 -10.17 -4.27 13.15
N GLY A 307 -9.02 -3.68 13.48
CA GLY A 307 -7.88 -3.64 12.57
C GLY A 307 -6.65 -3.03 13.19
N LEU A 308 -5.50 -3.48 12.72
CA LEU A 308 -4.21 -3.01 13.20
C LEU A 308 -3.56 -2.04 12.20
N GLY A 309 -3.01 -0.95 12.72
CA GLY A 309 -2.36 0.08 11.93
C GLY A 309 -1.17 0.69 12.64
N GLY A 310 0.02 0.27 12.27
CA GLY A 310 1.24 0.74 12.91
C GLY A 310 1.32 0.27 14.34
N ARG A 311 1.20 1.21 15.27
CA ARG A 311 1.23 0.97 16.71
C ARG A 311 -0.16 0.86 17.32
N PHE A 312 -1.18 1.27 16.56
CA PHE A 312 -2.58 1.31 17.01
C PHE A 312 -3.44 0.11 16.70
N LEU A 313 -4.51 -0.03 17.50
CA LEU A 313 -5.52 -1.06 17.38
C LEU A 313 -6.76 -0.26 17.33
N PHE A 314 -7.48 -0.35 16.20
CA PHE A 314 -8.75 0.38 16.05
C PHE A 314 -9.87 -0.63 16.07
N ALA A 315 -11.03 -0.18 16.53
CA ALA A 315 -12.23 -1.00 16.60
C ALA A 315 -13.45 -0.12 16.49
N SER A 316 -14.37 -0.43 15.55
CA SER A 316 -15.61 0.36 15.45
C SER A 316 -16.52 -0.27 16.49
N VAL A 317 -17.06 0.57 17.37
CA VAL A 317 -17.94 0.18 18.47
C VAL A 317 -19.31 0.76 18.20
N MET A 318 -20.32 -0.11 18.29
CA MET A 318 -21.74 0.18 18.09
C MET A 318 -22.33 0.92 19.30
N ALA A 319 -23.19 1.91 19.03
CA ALA A 319 -23.84 2.69 20.08
C ALA A 319 -25.01 1.89 20.69
N ASP A 320 -25.22 2.07 22.02
CA ASP A 320 -26.25 1.39 22.82
C ASP A 320 -27.61 1.99 22.56
N LYS A 321 -28.57 1.11 22.12
CA LYS A 321 -29.95 1.46 21.75
C LYS A 321 -29.94 2.52 20.61
N ASP A 322 -28.86 2.51 19.79
CA ASP A 322 -28.60 3.41 18.67
C ASP A 322 -27.93 2.70 17.47
N THR A 323 -28.33 3.07 16.24
CA THR A 323 -27.84 2.51 14.97
C THR A 323 -26.34 2.80 14.64
N THR A 324 -25.85 3.99 15.05
CA THR A 324 -24.50 4.50 14.82
C THR A 324 -23.38 3.71 15.46
N ARG A 325 -22.16 3.98 14.99
CA ARG A 325 -20.93 3.40 15.48
C ARG A 325 -19.76 4.38 15.36
N ARG A 326 -18.70 4.15 16.16
CA ARG A 326 -17.55 5.03 16.13
C ARG A 326 -16.26 4.33 16.48
N ILE A 327 -15.11 4.90 16.03
CA ILE A 327 -13.79 4.34 16.32
C ILE A 327 -13.34 4.63 17.78
N HIS A 328 -12.70 3.62 18.38
CA HIS A 328 -12.08 3.59 19.70
C HIS A 328 -10.69 3.05 19.42
N VAL A 329 -9.63 3.58 20.09
CA VAL A 329 -8.21 3.21 19.87
C VAL A 329 -7.52 2.69 21.13
N SER A 330 -6.58 1.75 20.96
CA SER A 330 -5.80 1.14 22.03
C SER A 330 -4.31 0.95 21.66
N THR A 331 -3.42 1.70 22.34
CA THR A 331 -1.98 1.66 22.13
C THR A 331 -1.34 0.49 22.92
N ASP A 332 -2.10 -0.05 23.91
CA ASP A 332 -1.69 -1.12 24.82
C ASP A 332 -2.37 -2.48 24.56
N GLN A 333 -2.69 -2.76 23.29
CA GLN A 333 -3.28 -4.03 22.85
C GLN A 333 -4.62 -4.40 23.51
N GLY A 334 -5.48 -3.43 23.72
CA GLY A 334 -6.81 -3.70 24.28
C GLY A 334 -7.00 -3.55 25.78
N ASP A 335 -5.91 -3.32 26.54
CA ASP A 335 -5.95 -3.14 27.98
C ASP A 335 -6.70 -1.86 28.35
N THR A 336 -6.39 -0.72 27.66
CA THR A 336 -7.09 0.56 27.85
C THR A 336 -7.54 1.10 26.49
N TRP A 337 -8.71 1.71 26.45
CA TRP A 337 -9.23 2.25 25.22
C TRP A 337 -9.66 3.69 25.38
N SER A 338 -9.33 4.50 24.38
CA SER A 338 -9.70 5.90 24.33
C SER A 338 -10.57 6.04 23.11
N MET A 339 -11.55 6.93 23.17
CA MET A 339 -12.42 7.19 22.02
C MET A 339 -11.59 8.08 21.06
N ALA A 340 -11.70 7.86 19.75
CA ALA A 340 -10.98 8.65 18.74
C ALA A 340 -11.75 9.95 18.52
N GLN A 341 -11.05 11.04 18.23
CA GLN A 341 -11.69 12.33 17.97
C GLN A 341 -12.19 12.39 16.50
N LEU A 342 -13.02 11.39 16.12
CA LEU A 342 -13.58 11.27 14.78
C LEU A 342 -15.11 11.31 14.76
N PRO A 343 -15.72 11.66 13.59
CA PRO A 343 -17.19 11.62 13.50
C PRO A 343 -17.70 10.18 13.58
N SER A 344 -18.98 10.02 13.96
CA SER A 344 -19.55 8.68 14.04
C SER A 344 -20.27 8.40 12.71
N VAL A 345 -20.47 7.13 12.39
CA VAL A 345 -21.12 6.76 11.14
C VAL A 345 -22.29 5.81 11.37
N GLY A 346 -23.24 5.82 10.43
CA GLY A 346 -24.40 4.94 10.39
C GLY A 346 -24.05 3.60 9.74
N GLN A 347 -25.06 2.75 9.50
CA GLN A 347 -24.83 1.43 8.92
C GLN A 347 -24.46 1.48 7.42
N GLU A 348 -24.85 2.56 6.71
CA GLU A 348 -24.58 2.82 5.28
C GLU A 348 -23.15 3.38 4.98
N GLN A 349 -22.36 3.68 6.03
CA GLN A 349 -21.02 4.22 5.87
C GLN A 349 -19.92 3.28 6.41
N PHE A 350 -18.68 3.63 6.08
CA PHE A 350 -17.50 2.87 6.51
C PHE A 350 -16.38 3.82 6.94
N TYR A 351 -15.33 3.21 7.52
CA TYR A 351 -14.08 3.78 7.98
C TYR A 351 -13.01 3.01 7.21
N SER A 352 -11.97 3.67 6.74
CA SER A 352 -10.92 2.96 6.04
C SER A 352 -9.54 3.52 6.46
N ILE A 353 -8.60 2.62 6.78
CA ILE A 353 -7.25 3.03 7.13
C ILE A 353 -6.58 3.21 5.78
N LEU A 354 -6.31 4.45 5.38
CA LEU A 354 -5.68 4.67 4.08
C LEU A 354 -4.20 4.34 4.16
N ALA A 355 -3.56 4.73 5.27
CA ALA A 355 -2.16 4.48 5.51
C ALA A 355 -1.91 4.60 6.99
N ALA A 356 -1.04 3.75 7.51
CA ALA A 356 -0.71 3.78 8.92
C ALA A 356 0.74 3.49 9.11
N ASN A 357 1.38 4.19 10.05
CA ASN A 357 2.78 3.90 10.32
C ASN A 357 3.06 3.98 11.83
N ASP A 358 4.33 4.20 12.21
CA ASP A 358 4.70 4.27 13.61
C ASP A 358 4.33 5.58 14.25
N ASP A 359 4.16 6.63 13.45
CA ASP A 359 3.76 7.94 13.94
C ASP A 359 2.26 8.24 13.89
N MET A 360 1.58 7.83 12.83
CA MET A 360 0.17 8.18 12.70
C MET A 360 -0.55 7.30 11.73
N VAL A 361 -1.83 7.67 11.45
CA VAL A 361 -2.73 7.07 10.47
C VAL A 361 -3.47 8.14 9.68
N PHE A 362 -3.79 7.79 8.42
CA PHE A 362 -4.62 8.55 7.50
C PHE A 362 -5.92 7.77 7.54
N MET A 363 -6.96 8.36 8.08
CA MET A 363 -8.26 7.70 8.21
C MET A 363 -9.29 8.31 7.28
N HIS A 364 -9.98 7.44 6.51
CA HIS A 364 -11.04 7.86 5.61
C HIS A 364 -12.37 7.58 6.30
N VAL A 365 -13.23 8.61 6.38
CA VAL A 365 -14.57 8.54 6.96
C VAL A 365 -15.57 8.84 5.83
N ASP A 366 -16.40 7.82 5.44
CA ASP A 366 -17.41 7.93 4.39
C ASP A 366 -18.44 9.02 4.70
N GLU A 367 -18.81 9.82 3.69
CA GLU A 367 -19.84 10.84 3.91
C GLU A 367 -21.25 10.18 3.91
N PRO A 368 -22.19 10.67 4.76
CA PRO A 368 -23.51 10.02 4.87
C PRO A 368 -24.33 9.88 3.59
N GLY A 369 -24.77 8.63 3.37
CA GLY A 369 -25.60 8.19 2.25
C GLY A 369 -25.07 8.36 0.85
N ASP A 370 -24.84 7.21 0.17
CA ASP A 370 -24.37 7.02 -1.21
C ASP A 370 -23.87 8.30 -1.90
N THR A 371 -22.72 8.84 -1.41
CA THR A 371 -22.05 10.04 -1.90
C THR A 371 -20.94 9.70 -2.86
N GLY A 372 -20.26 8.57 -2.62
CA GLY A 372 -19.12 8.10 -3.41
C GLY A 372 -17.82 8.80 -3.02
N PHE A 373 -17.85 9.46 -1.85
CA PHE A 373 -16.76 10.22 -1.27
C PHE A 373 -16.87 10.34 0.28
N GLY A 374 -15.76 10.76 0.87
CA GLY A 374 -15.60 10.95 2.29
C GLY A 374 -14.61 12.04 2.57
N THR A 375 -14.14 12.02 3.80
CA THR A 375 -13.20 12.97 4.35
C THR A 375 -12.03 12.21 4.97
N ILE A 376 -10.80 12.70 4.69
CA ILE A 376 -9.55 12.18 5.21
C ILE A 376 -9.25 12.97 6.46
N PHE A 377 -8.82 12.24 7.49
CA PHE A 377 -8.41 12.76 8.80
C PHE A 377 -7.05 12.21 9.05
N THR A 378 -6.16 13.03 9.61
CA THR A 378 -4.80 12.62 10.00
C THR A 378 -4.82 12.57 11.53
N SER A 379 -4.19 11.57 12.10
CA SER A 379 -4.15 11.40 13.55
C SER A 379 -2.90 12.03 14.19
N ASP A 380 -2.90 12.02 15.54
CA ASP A 380 -1.82 12.43 16.41
C ASP A 380 -1.11 11.11 16.69
N ASP A 381 0.02 11.14 17.40
CA ASP A 381 0.87 9.99 17.74
C ASP A 381 0.19 8.99 18.67
N ARG A 382 -0.94 9.37 19.21
CA ARG A 382 -1.70 8.57 20.14
C ARG A 382 -2.84 7.85 19.37
N GLY A 383 -3.15 8.37 18.18
CA GLY A 383 -4.21 7.88 17.32
C GLY A 383 -5.54 8.36 17.82
N ILE A 384 -5.51 9.27 18.80
CA ILE A 384 -6.68 9.84 19.47
C ILE A 384 -7.17 11.18 18.86
N VAL A 385 -6.25 12.17 18.65
CA VAL A 385 -6.66 13.46 18.10
C VAL A 385 -6.57 13.48 16.59
N TYR A 386 -7.63 13.97 15.94
CA TYR A 386 -7.75 13.95 14.49
C TYR A 386 -7.94 15.33 13.83
N SER A 387 -7.08 15.61 12.86
CA SER A 387 -7.10 16.82 12.09
C SER A 387 -7.70 16.53 10.68
N LYS A 388 -8.80 17.24 10.34
CA LYS A 388 -9.40 17.11 9.03
C LYS A 388 -8.31 17.53 8.04
N SER A 389 -7.95 16.63 7.10
CA SER A 389 -6.89 16.78 6.11
C SER A 389 -7.40 17.06 4.69
N LEU A 390 -8.44 16.32 4.23
CA LEU A 390 -8.96 16.46 2.86
C LEU A 390 -10.47 16.13 2.70
N ASP A 391 -11.21 17.06 2.10
CA ASP A 391 -12.65 16.98 1.83
C ASP A 391 -12.91 16.33 0.47
N ARG A 392 -14.12 15.69 0.33
CA ARG A 392 -14.61 15.06 -0.90
C ARG A 392 -13.59 14.12 -1.51
N HIS A 393 -13.00 13.28 -0.65
CA HIS A 393 -12.02 12.28 -1.04
C HIS A 393 -12.74 11.11 -1.68
N LEU A 394 -12.45 10.91 -2.95
CA LEU A 394 -13.01 9.84 -3.76
C LEU A 394 -12.60 8.44 -3.25
N TYR A 395 -13.62 7.72 -2.80
CA TYR A 395 -13.59 6.35 -2.28
C TYR A 395 -15.02 5.83 -2.45
N THR A 396 -15.21 4.80 -3.33
CA THR A 396 -16.52 4.21 -3.67
C THR A 396 -17.19 3.51 -2.46
N THR A 397 -17.50 2.23 -2.55
CA THR A 397 -18.12 1.54 -1.40
C THR A 397 -16.98 1.06 -0.47
N THR A 398 -17.29 0.25 0.58
CA THR A 398 -16.24 -0.29 1.47
C THR A 398 -15.32 -1.20 0.62
N GLY A 399 -15.88 -1.71 -0.49
CA GLY A 399 -15.25 -2.55 -1.51
C GLY A 399 -15.33 -1.96 -2.93
N GLY A 400 -14.53 -0.93 -3.21
CA GLY A 400 -13.55 -0.34 -2.29
C GLY A 400 -12.43 0.33 -3.04
N GLU A 401 -12.80 1.19 -4.02
CA GLU A 401 -11.86 1.92 -4.87
C GLU A 401 -11.58 3.33 -4.39
N THR A 402 -10.29 3.66 -4.31
CA THR A 402 -9.71 4.95 -3.92
C THR A 402 -8.41 5.13 -4.69
N ASP A 403 -8.03 6.37 -4.97
CA ASP A 403 -6.79 6.63 -5.69
C ASP A 403 -5.69 7.01 -4.70
N PHE A 404 -5.96 6.79 -3.39
CA PHE A 404 -5.03 7.10 -2.30
C PHE A 404 -3.73 6.31 -2.43
N THR A 405 -2.68 7.04 -2.76
CA THR A 405 -1.36 6.52 -3.03
C THR A 405 -0.29 7.16 -2.17
N ASN A 406 0.59 6.31 -1.60
CA ASN A 406 1.72 6.78 -0.85
C ASN A 406 2.81 6.87 -1.89
N VAL A 407 3.38 8.07 -2.10
CA VAL A 407 4.49 8.21 -3.03
C VAL A 407 5.77 7.85 -2.23
N THR A 408 6.02 6.53 -2.15
CA THR A 408 7.10 5.84 -1.44
C THR A 408 8.53 6.30 -1.82
N SER A 409 8.74 6.91 -2.98
CA SER A 409 10.07 7.41 -3.37
C SER A 409 10.50 8.71 -2.66
N LEU A 410 9.61 9.37 -1.89
CA LEU A 410 9.99 10.61 -1.19
C LEU A 410 9.11 10.84 0.02
N ARG A 411 9.72 11.14 1.17
CA ARG A 411 9.12 11.33 2.49
C ARG A 411 8.08 12.40 2.55
N GLY A 412 6.94 12.04 3.17
CA GLY A 412 5.77 12.88 3.41
C GLY A 412 4.86 13.15 2.21
N VAL A 413 5.15 12.49 1.05
CA VAL A 413 4.39 12.66 -0.20
C VAL A 413 3.31 11.58 -0.40
N TYR A 414 2.09 12.05 -0.68
CA TYR A 414 0.93 11.22 -0.93
C TYR A 414 0.11 11.90 -1.99
N ILE A 415 -0.55 11.14 -2.83
CA ILE A 415 -1.42 11.65 -3.88
C ILE A 415 -2.75 10.89 -3.78
N THR A 416 -3.85 11.56 -4.13
CA THR A 416 -5.20 10.99 -4.17
C THR A 416 -6.12 11.83 -5.12
N SER A 417 -7.36 11.35 -5.26
CA SER A 417 -8.39 11.92 -6.09
C SER A 417 -9.55 12.46 -5.24
N VAL A 418 -10.04 13.65 -5.63
CA VAL A 418 -11.16 14.36 -4.99
C VAL A 418 -12.25 14.62 -5.99
N LEU A 419 -13.48 14.59 -5.50
CA LEU A 419 -14.65 14.83 -6.34
C LEU A 419 -15.01 16.30 -6.27
N SER A 420 -14.97 16.97 -7.42
CA SER A 420 -15.32 18.39 -7.59
C SER A 420 -16.83 18.55 -7.52
N GLU A 421 -17.30 19.76 -7.16
CA GLU A 421 -18.74 20.03 -7.09
C GLU A 421 -19.51 19.72 -8.39
N ASP A 422 -18.85 19.84 -9.57
CA ASP A 422 -19.44 19.57 -10.89
C ASP A 422 -19.30 18.11 -11.32
N ASN A 423 -19.09 17.25 -10.34
CA ASN A 423 -18.88 15.81 -10.44
C ASN A 423 -17.71 15.41 -11.37
N SER A 424 -16.66 16.26 -11.42
CA SER A 424 -15.42 15.97 -12.12
C SER A 424 -14.40 15.44 -11.02
N ILE A 425 -13.32 14.76 -11.44
CA ILE A 425 -12.36 14.17 -10.52
C ILE A 425 -11.00 14.84 -10.68
N GLN A 426 -10.44 15.34 -9.56
CA GLN A 426 -9.14 16.02 -9.52
C GLN A 426 -8.07 15.29 -8.68
N THR A 427 -6.82 15.36 -9.12
CA THR A 427 -5.73 14.76 -8.36
C THR A 427 -5.15 15.84 -7.45
N MET A 428 -4.97 15.49 -6.16
CA MET A 428 -4.36 16.33 -5.13
C MET A 428 -3.06 15.70 -4.59
N ILE A 429 -2.08 16.53 -4.35
CA ILE A 429 -0.82 16.10 -3.81
C ILE A 429 -0.51 16.79 -2.51
N THR A 430 0.04 16.03 -1.54
CA THR A 430 0.50 16.52 -0.23
C THR A 430 1.96 16.20 -0.15
N PHE A 431 2.73 17.12 0.43
CA PHE A 431 4.17 16.94 0.55
C PHE A 431 4.58 16.89 1.99
N ASP A 432 3.64 17.18 2.88
CA ASP A 432 3.88 17.22 4.32
C ASP A 432 2.94 16.32 5.08
N GLN A 433 2.77 15.08 4.60
CA GLN A 433 1.91 14.11 5.25
C GLN A 433 0.48 14.69 5.52
N GLY A 434 -0.13 15.18 4.44
CA GLY A 434 -1.49 15.73 4.48
C GLY A 434 -1.71 17.03 5.23
N GLY A 435 -0.63 17.78 5.49
CA GLY A 435 -0.69 19.07 6.17
C GLY A 435 -1.47 20.02 5.32
N ARG A 436 -1.02 20.19 4.06
CA ARG A 436 -1.58 20.99 2.98
C ARG A 436 -1.58 20.06 1.72
N TRP A 437 -2.66 20.14 0.92
CA TRP A 437 -2.88 19.40 -0.33
C TRP A 437 -3.05 20.44 -1.40
N THR A 438 -2.61 20.17 -2.62
CA THR A 438 -2.64 21.14 -3.76
C THR A 438 -2.67 20.38 -5.12
N HIS A 439 -2.85 21.08 -6.25
CA HIS A 439 -2.87 20.44 -7.56
C HIS A 439 -1.43 20.08 -7.99
N LEU A 440 -1.28 19.12 -8.90
CA LEU A 440 0.08 18.77 -9.35
C LEU A 440 0.49 19.81 -10.40
N ARG A 441 1.78 20.17 -10.50
CA ARG A 441 2.28 21.13 -11.50
C ARG A 441 2.15 20.47 -12.85
N LYS A 442 1.61 21.20 -13.85
CA LYS A 442 1.50 20.66 -15.19
C LYS A 442 2.91 20.61 -15.85
N PRO A 443 3.22 19.52 -16.58
CA PRO A 443 4.54 19.44 -17.23
C PRO A 443 4.71 20.67 -18.11
N GLU A 444 5.84 21.39 -17.97
CA GLU A 444 6.07 22.63 -18.69
C GLU A 444 5.74 22.55 -20.20
N ASN A 445 6.30 21.57 -20.92
CA ASN A 445 6.07 21.40 -22.36
C ASN A 445 4.92 20.44 -22.68
N SER A 446 3.79 20.61 -21.96
CA SER A 446 2.54 19.86 -22.17
C SER A 446 1.40 20.86 -22.37
N GLU A 447 0.39 20.45 -23.15
CA GLU A 447 -0.78 21.25 -23.55
C GLU A 447 -2.00 20.96 -22.73
N CYS A 448 -2.77 22.01 -22.40
CA CYS A 448 -4.02 21.85 -21.63
C CYS A 448 -5.11 21.23 -22.51
N ASP A 449 -5.59 20.03 -22.13
CA ASP A 449 -6.64 19.33 -22.88
C ASP A 449 -8.03 19.99 -22.68
N ALA A 450 -9.03 19.46 -23.41
CA ALA A 450 -10.44 19.84 -23.48
C ALA A 450 -11.19 20.01 -22.14
N THR A 451 -10.60 19.53 -21.04
CA THR A 451 -11.23 19.58 -19.72
C THR A 451 -10.93 20.93 -19.05
N ALA A 452 -9.86 21.62 -19.52
CA ALA A 452 -9.38 22.90 -19.03
C ALA A 452 -10.21 24.13 -19.44
N LYS A 453 -10.61 24.95 -18.43
CA LYS A 453 -11.33 26.19 -18.69
C LYS A 453 -10.35 27.28 -19.17
N ASN A 454 -9.02 27.01 -19.14
CA ASN A 454 -8.00 27.94 -19.58
C ASN A 454 -6.99 27.20 -20.44
N LYS A 455 -6.80 27.72 -21.64
CA LYS A 455 -5.91 27.22 -22.68
C LYS A 455 -4.47 27.01 -22.21
N ASN A 456 -3.96 27.90 -21.34
CA ASN A 456 -2.57 27.81 -20.90
C ASN A 456 -2.34 27.43 -19.42
N GLU A 457 -3.30 27.74 -18.54
CA GLU A 457 -3.22 27.43 -17.10
C GLU A 457 -4.13 26.27 -16.66
N CYS A 458 -3.49 25.19 -16.16
CA CYS A 458 -4.08 23.93 -15.64
C CYS A 458 -3.06 23.07 -14.78
N SER A 459 -3.39 21.78 -14.54
CA SER A 459 -2.58 20.87 -13.73
C SER A 459 -2.56 19.41 -14.23
N LEU A 460 -1.60 18.58 -13.75
CA LEU A 460 -1.52 17.15 -14.09
C LEU A 460 -2.47 16.40 -13.19
N HIS A 461 -3.10 15.37 -13.74
CA HIS A 461 -4.06 14.51 -13.06
C HIS A 461 -3.60 13.09 -13.32
N ILE A 462 -3.75 12.21 -12.34
CA ILE A 462 -3.23 10.86 -12.37
C ILE A 462 -4.29 9.78 -12.35
N HIS A 463 -4.07 8.75 -13.20
CA HIS A 463 -4.89 7.56 -13.35
C HIS A 463 -4.38 6.50 -12.38
N ALA A 464 -5.25 6.10 -11.47
CA ALA A 464 -4.99 5.10 -10.45
C ALA A 464 -6.17 4.13 -10.39
N SER A 465 -6.37 3.46 -9.23
CA SER A 465 -7.38 2.43 -8.97
C SER A 465 -8.75 2.71 -9.53
N TYR A 466 -9.23 3.96 -9.38
CA TYR A 466 -10.53 4.36 -9.88
C TYR A 466 -10.61 4.39 -11.40
N SER A 467 -9.66 5.05 -12.09
CA SER A 467 -9.66 5.09 -13.55
C SER A 467 -9.79 3.66 -14.05
N ILE A 468 -8.87 2.77 -13.61
CA ILE A 468 -8.81 1.33 -13.91
C ILE A 468 -10.17 0.67 -13.76
N SER A 469 -10.86 0.93 -12.62
CA SER A 469 -12.16 0.35 -12.28
C SER A 469 -13.26 0.76 -13.27
N GLN A 470 -13.14 1.95 -13.85
CA GLN A 470 -14.11 2.49 -14.81
C GLN A 470 -13.66 2.18 -16.23
N LYS A 471 -13.01 1.02 -16.37
CA LYS A 471 -12.51 0.42 -17.59
C LYS A 471 -11.83 1.44 -18.53
N LEU A 472 -11.12 2.44 -17.95
CA LEU A 472 -10.39 3.41 -18.76
C LEU A 472 -9.14 2.75 -19.35
N ASN A 473 -8.46 3.40 -20.34
CA ASN A 473 -7.26 2.82 -20.95
C ASN A 473 -6.04 3.02 -20.05
N VAL A 474 -6.05 2.33 -18.87
CA VAL A 474 -5.00 2.38 -17.83
C VAL A 474 -4.43 0.99 -17.50
N PRO A 475 -3.30 0.61 -18.08
CA PRO A 475 -2.73 -0.71 -17.77
C PRO A 475 -2.00 -0.77 -16.43
N MET A 476 -1.59 0.40 -15.87
CA MET A 476 -0.83 0.47 -14.62
C MET A 476 -1.05 1.72 -13.76
N ALA A 477 -1.25 1.52 -12.43
CA ALA A 477 -1.44 2.62 -11.48
C ALA A 477 -0.10 3.27 -11.20
N PRO A 478 0.01 4.37 -10.42
CA PRO A 478 1.35 4.96 -10.22
C PRO A 478 2.32 3.98 -9.58
N LEU A 479 3.64 4.18 -9.87
CA LEU A 479 4.68 3.38 -9.33
C LEU A 479 5.79 4.22 -8.81
N SER A 480 6.12 3.97 -7.56
CA SER A 480 7.26 4.57 -6.89
C SER A 480 7.94 3.47 -6.09
N GLU A 481 9.27 3.57 -6.01
CA GLU A 481 10.05 2.62 -5.21
C GLU A 481 10.86 3.40 -4.13
N PRO A 482 10.81 2.94 -2.85
CA PRO A 482 11.59 3.63 -1.80
C PRO A 482 13.09 3.74 -2.07
N ASN A 483 13.69 2.79 -2.84
CA ASN A 483 15.14 2.80 -3.19
C ASN A 483 15.53 3.72 -4.38
N ALA A 484 14.55 4.04 -5.25
CA ALA A 484 14.74 4.95 -6.38
C ALA A 484 14.22 6.34 -5.92
N VAL A 485 15.07 7.08 -5.25
CA VAL A 485 14.76 8.40 -4.68
C VAL A 485 14.09 9.38 -5.66
N GLY A 486 12.93 9.88 -5.24
CA GLY A 486 12.17 10.89 -5.98
C GLY A 486 11.49 10.47 -7.28
N ILE A 487 11.59 9.20 -7.68
CA ILE A 487 10.98 8.81 -8.94
C ILE A 487 9.55 8.36 -8.78
N VAL A 488 8.68 8.99 -9.58
CA VAL A 488 7.25 8.67 -9.68
C VAL A 488 6.93 8.53 -11.16
N ILE A 489 6.19 7.47 -11.49
CA ILE A 489 5.75 7.16 -12.84
C ILE A 489 4.30 6.84 -12.78
N ALA A 490 3.49 7.50 -13.64
CA ALA A 490 2.05 7.32 -13.69
C ALA A 490 1.39 7.68 -15.03
N HIS A 491 0.14 7.15 -15.27
CA HIS A 491 -0.64 7.51 -16.45
C HIS A 491 -1.34 8.81 -16.09
N GLY A 492 -1.16 9.81 -16.95
CA GLY A 492 -1.69 11.15 -16.69
C GLY A 492 -2.68 11.72 -17.68
N SER A 493 -3.10 12.97 -17.41
CA SER A 493 -4.06 13.80 -18.13
C SER A 493 -3.83 15.25 -17.70
N VAL A 494 -3.33 16.10 -18.61
CA VAL A 494 -3.04 17.52 -18.34
C VAL A 494 -4.34 18.38 -18.63
N GLY A 495 -4.96 18.93 -17.58
CA GLY A 495 -6.17 19.73 -17.71
C GLY A 495 -6.76 20.12 -16.37
N ASP A 496 -8.08 20.19 -16.25
CA ASP A 496 -8.69 20.60 -14.97
C ASP A 496 -9.32 19.42 -14.22
N ALA A 497 -9.33 18.25 -14.87
CA ALA A 497 -9.87 17.03 -14.31
C ALA A 497 -9.39 15.82 -15.09
N ILE A 498 -9.72 14.63 -14.57
CA ILE A 498 -9.34 13.38 -15.17
C ILE A 498 -10.12 13.13 -16.47
N SER A 499 -9.39 13.23 -17.59
CA SER A 499 -9.90 13.01 -18.93
C SER A 499 -10.16 11.50 -19.14
N VAL A 500 -11.01 11.17 -20.14
CA VAL A 500 -11.34 9.81 -20.53
C VAL A 500 -10.52 9.52 -21.78
N MET A 501 -9.65 10.47 -22.17
CA MET A 501 -8.79 10.33 -23.33
C MET A 501 -7.75 9.20 -23.13
N VAL A 502 -7.03 8.82 -24.18
CA VAL A 502 -6.04 7.74 -24.07
C VAL A 502 -4.79 8.40 -23.48
N PRO A 503 -4.41 8.00 -22.23
CA PRO A 503 -3.30 8.67 -21.54
C PRO A 503 -1.92 8.28 -21.92
N ASP A 504 -1.03 9.23 -21.72
CA ASP A 504 0.41 9.13 -21.93
C ASP A 504 1.00 8.92 -20.54
N VAL A 505 2.26 8.53 -20.49
CA VAL A 505 2.95 8.24 -19.23
C VAL A 505 3.79 9.45 -18.82
N TYR A 506 3.72 9.79 -17.54
CA TYR A 506 4.48 10.91 -16.99
C TYR A 506 5.44 10.47 -15.89
N ILE A 507 6.57 11.16 -15.80
CA ILE A 507 7.60 10.91 -14.82
C ILE A 507 7.96 12.17 -14.02
N SER A 508 8.18 11.97 -12.71
CA SER A 508 8.67 13.01 -11.80
C SER A 508 9.95 12.40 -11.26
N ASP A 509 10.98 13.21 -11.11
CA ASP A 509 12.27 12.80 -10.57
C ASP A 509 12.46 13.48 -9.19
N ASP A 510 11.47 14.29 -8.76
CA ASP A 510 11.57 15.00 -7.49
C ASP A 510 10.41 14.75 -6.55
N GLY A 511 9.82 13.57 -6.67
CA GLY A 511 8.72 13.15 -5.82
C GLY A 511 7.43 13.91 -6.04
N GLY A 512 7.15 14.31 -7.28
CA GLY A 512 5.92 14.97 -7.68
C GLY A 512 5.81 16.47 -7.55
N TYR A 513 6.94 17.20 -7.50
CA TYR A 513 6.87 18.66 -7.47
C TYR A 513 6.73 19.12 -8.97
N SER A 514 7.54 18.51 -9.85
CA SER A 514 7.63 18.73 -11.28
C SER A 514 7.50 17.42 -12.04
N TRP A 515 6.76 17.45 -13.14
CA TRP A 515 6.49 16.32 -14.02
C TRP A 515 6.89 16.58 -15.48
N THR A 516 7.04 15.52 -16.27
CA THR A 516 7.44 15.57 -17.68
C THR A 516 6.91 14.31 -18.37
N LYS A 517 6.21 14.45 -19.55
CA LYS A 517 5.71 13.30 -20.33
C LYS A 517 6.92 12.39 -20.66
N MET A 518 6.90 11.18 -20.11
CA MET A 518 7.96 10.20 -20.28
C MET A 518 7.78 9.48 -21.61
N LEU A 519 6.59 8.86 -21.80
CA LEU A 519 6.24 8.11 -22.99
C LEU A 519 4.86 8.46 -23.50
N GLU A 520 4.66 8.36 -24.83
CA GLU A 520 3.39 8.69 -25.46
C GLU A 520 2.52 7.46 -25.50
N GLY A 521 1.30 7.57 -24.98
CA GLY A 521 0.38 6.44 -24.96
C GLY A 521 0.55 5.48 -23.78
N PRO A 522 -0.42 4.57 -23.54
CA PRO A 522 -0.29 3.66 -22.38
C PRO A 522 0.87 2.70 -22.47
N HIS A 523 1.46 2.39 -21.31
CA HIS A 523 2.59 1.50 -21.16
C HIS A 523 2.57 0.79 -19.83
N TYR A 524 3.40 -0.25 -19.73
CA TYR A 524 3.66 -1.07 -18.55
C TYR A 524 5.07 -0.68 -18.22
N TYR A 525 5.31 -0.23 -16.99
CA TYR A 525 6.61 0.24 -16.56
C TYR A 525 7.08 -0.42 -15.28
N THR A 526 8.42 -0.47 -15.13
CA THR A 526 9.11 -1.06 -14.00
C THR A 526 10.45 -0.41 -13.78
N ILE A 527 10.84 -0.32 -12.49
CA ILE A 527 12.12 0.24 -12.06
C ILE A 527 13.03 -0.90 -11.61
N LEU A 528 14.26 -0.90 -12.15
CA LEU A 528 15.27 -1.90 -11.83
C LEU A 528 16.49 -1.21 -11.26
N ASP A 529 17.29 -1.98 -10.51
CA ASP A 529 18.51 -1.51 -9.88
C ASP A 529 18.40 -0.11 -9.26
N SER A 530 17.39 0.07 -8.37
CA SER A 530 17.15 1.31 -7.64
C SER A 530 17.24 2.55 -8.54
N GLY A 531 16.61 2.45 -9.72
CA GLY A 531 16.54 3.52 -10.72
C GLY A 531 17.62 3.56 -11.79
N GLY A 532 18.48 2.55 -11.80
CA GLY A 532 19.55 2.44 -12.78
C GLY A 532 18.98 2.17 -14.17
N ILE A 533 17.93 1.33 -14.21
CA ILE A 533 17.18 0.93 -15.40
C ILE A 533 15.69 1.19 -15.19
N ILE A 534 15.04 1.76 -16.19
CA ILE A 534 13.59 1.95 -16.22
C ILE A 534 13.18 1.13 -17.44
N VAL A 535 12.13 0.34 -17.33
CA VAL A 535 11.75 -0.48 -18.44
C VAL A 535 10.32 -0.21 -18.86
N ALA A 536 10.06 -0.25 -20.18
CA ALA A 536 8.72 0.00 -20.70
C ALA A 536 8.26 -0.98 -21.83
N ILE A 537 7.01 -1.42 -21.73
CA ILE A 537 6.31 -2.31 -22.66
C ILE A 537 5.09 -1.50 -23.11
N GLU A 538 4.85 -1.38 -24.43
CA GLU A 538 3.70 -0.63 -24.94
C GLU A 538 2.36 -1.38 -24.74
N HIS A 539 1.30 -0.65 -24.35
CA HIS A 539 0.00 -1.29 -24.17
C HIS A 539 -0.76 -1.14 -25.48
N SER A 540 -0.53 -2.14 -26.35
CA SER A 540 -1.10 -2.23 -27.69
C SER A 540 -2.30 -3.18 -27.76
N SER A 541 -3.15 -2.94 -28.78
CA SER A 541 -4.35 -3.73 -29.09
C SER A 541 -3.98 -5.03 -29.83
N ARG A 542 -2.73 -5.10 -30.37
CA ARG A 542 -2.16 -6.21 -31.15
C ARG A 542 -0.80 -6.70 -30.62
N PRO A 543 -0.30 -7.92 -31.01
CA PRO A 543 1.03 -8.38 -30.52
C PRO A 543 2.20 -7.40 -30.55
N ILE A 544 3.11 -7.58 -29.58
CA ILE A 544 4.31 -6.75 -29.40
C ILE A 544 5.56 -7.62 -29.40
N ASN A 545 6.67 -7.07 -29.89
CA ASN A 545 7.92 -7.82 -29.93
C ASN A 545 9.08 -7.00 -29.39
N VAL A 546 8.80 -5.74 -29.03
CA VAL A 546 9.82 -4.83 -28.54
C VAL A 546 9.61 -4.36 -27.05
N ILE A 547 10.73 -3.99 -26.41
CA ILE A 547 10.82 -3.47 -25.04
C ILE A 547 11.69 -2.20 -25.08
N LYS A 548 11.31 -1.17 -24.33
CA LYS A 548 12.07 0.09 -24.25
C LYS A 548 12.80 0.14 -22.87
N PHE A 549 13.95 0.85 -22.82
CA PHE A 549 14.73 0.99 -21.59
C PHE A 549 15.38 2.35 -21.47
N SER A 550 15.61 2.82 -20.23
CA SER A 550 16.24 4.10 -19.94
C SER A 550 17.28 3.94 -18.84
N THR A 551 18.46 4.54 -19.03
CA THR A 551 19.54 4.46 -18.03
C THR A 551 19.73 5.82 -17.35
N ASP A 552 18.90 6.79 -17.74
CA ASP A 552 18.92 8.16 -17.23
C ASP A 552 17.56 8.63 -16.63
N GLU A 553 16.81 7.68 -16.00
CA GLU A 553 15.51 7.93 -15.35
C GLU A 553 14.45 8.51 -16.32
N GLY A 554 14.11 7.72 -17.33
CA GLY A 554 13.10 8.02 -18.35
C GLY A 554 13.23 9.35 -19.08
N GLN A 555 14.48 9.79 -19.31
CA GLN A 555 14.81 11.02 -20.01
C GLN A 555 15.22 10.70 -21.46
N CYS A 556 15.80 9.50 -21.68
CA CYS A 556 16.25 8.98 -22.98
C CYS A 556 15.93 7.51 -23.03
N TRP A 557 15.35 7.08 -24.15
CA TRP A 557 14.97 5.69 -24.29
C TRP A 557 15.72 4.95 -25.40
N GLN A 558 15.69 3.61 -25.34
CA GLN A 558 16.33 2.72 -26.30
C GLN A 558 15.56 1.43 -26.46
N THR A 559 14.91 1.33 -27.63
CA THR A 559 14.09 0.20 -28.04
C THR A 559 14.98 -0.99 -28.40
N TYR A 560 14.56 -2.19 -28.00
CA TYR A 560 15.25 -3.44 -28.27
C TYR A 560 14.23 -4.54 -28.52
N THR A 561 14.45 -5.38 -29.56
CA THR A 561 13.53 -6.48 -29.91
C THR A 561 13.92 -7.74 -29.14
N PHE A 562 13.05 -8.13 -28.20
CA PHE A 562 13.27 -9.32 -27.39
C PHE A 562 12.89 -10.61 -28.10
N THR A 563 12.03 -10.52 -29.14
CA THR A 563 11.57 -11.70 -29.86
C THR A 563 11.33 -11.46 -31.34
N ARG A 564 11.64 -12.48 -32.16
CA ARG A 564 11.40 -12.46 -33.60
C ARG A 564 9.89 -12.71 -33.80
N ASP A 565 9.31 -13.70 -33.06
CA ASP A 565 7.87 -14.07 -33.07
C ASP A 565 7.15 -13.25 -32.00
N PRO A 566 6.41 -12.17 -32.35
CA PRO A 566 5.74 -11.35 -31.30
C PRO A 566 4.72 -12.08 -30.42
N ILE A 567 4.31 -11.41 -29.32
CA ILE A 567 3.36 -11.93 -28.35
C ILE A 567 2.34 -10.92 -27.88
N TYR A 568 1.20 -11.44 -27.40
CA TYR A 568 0.09 -10.69 -26.82
C TYR A 568 0.43 -10.54 -25.32
N PHE A 569 1.09 -9.42 -24.96
CA PHE A 569 1.55 -9.11 -23.61
C PHE A 569 0.48 -9.13 -22.53
N THR A 570 0.84 -9.63 -21.32
CA THR A 570 -0.04 -9.64 -20.14
C THR A 570 0.51 -8.77 -19.01
N GLY A 571 1.70 -9.10 -18.54
CA GLY A 571 2.32 -8.36 -17.45
C GLY A 571 3.81 -8.56 -17.34
N LEU A 572 4.41 -7.81 -16.40
CA LEU A 572 5.82 -7.85 -16.09
C LEU A 572 5.96 -8.50 -14.76
N ALA A 573 7.17 -9.01 -14.48
CA ALA A 573 7.56 -9.65 -13.24
C ALA A 573 8.97 -9.26 -13.01
N SER A 574 9.24 -8.73 -11.84
CA SER A 574 10.54 -8.29 -11.37
C SER A 574 10.49 -8.51 -9.87
N GLU A 575 11.62 -8.82 -9.29
CA GLU A 575 11.74 -9.13 -7.88
C GLU A 575 11.39 -7.92 -7.05
N PRO A 576 10.44 -8.13 -6.09
CA PRO A 576 10.08 -7.05 -5.18
C PRO A 576 11.35 -6.45 -4.58
N GLY A 577 11.33 -5.11 -4.46
CA GLY A 577 12.44 -4.33 -3.93
C GLY A 577 13.18 -3.54 -4.98
N ALA A 578 12.87 -3.75 -6.28
CA ALA A 578 13.48 -3.05 -7.45
C ALA A 578 15.01 -3.00 -7.44
N ARG A 579 15.64 -4.12 -7.08
CA ARG A 579 17.09 -4.26 -6.95
C ARG A 579 17.71 -5.16 -8.01
N SER A 580 16.92 -6.09 -8.57
CA SER A 580 17.42 -6.96 -9.63
C SER A 580 17.68 -6.18 -10.92
N MET A 581 18.28 -6.86 -11.91
CA MET A 581 18.57 -6.32 -13.23
C MET A 581 17.88 -7.25 -14.20
N ASN A 582 17.01 -8.10 -13.65
CA ASN A 582 16.23 -9.12 -14.34
C ASN A 582 14.75 -8.73 -14.43
N ILE A 583 14.14 -8.93 -15.62
CA ILE A 583 12.72 -8.65 -15.93
C ILE A 583 12.09 -9.76 -16.78
N SER A 584 10.96 -10.29 -16.33
CA SER A 584 10.20 -11.33 -17.00
C SER A 584 9.03 -10.69 -17.77
N ILE A 585 9.05 -10.72 -19.13
CA ILE A 585 8.00 -10.18 -20.02
C ILE A 585 7.04 -11.34 -20.29
N TRP A 586 5.79 -11.24 -19.87
CA TRP A 586 4.82 -12.30 -20.05
C TRP A 586 3.77 -12.03 -21.12
N GLY A 587 3.24 -13.11 -21.68
CA GLY A 587 2.23 -13.04 -22.72
C GLY A 587 1.91 -14.37 -23.36
N PHE A 588 1.35 -14.32 -24.58
CA PHE A 588 0.96 -15.51 -25.34
C PHE A 588 1.04 -15.30 -26.83
N THR A 589 1.40 -16.37 -27.56
CA THR A 589 1.56 -16.43 -29.01
C THR A 589 0.22 -16.37 -29.72
N GLU A 590 0.21 -15.73 -30.92
CA GLU A 590 -0.93 -15.51 -31.82
C GLU A 590 -1.55 -16.85 -32.36
N SER A 591 -2.83 -17.10 -32.01
CA SER A 591 -3.60 -18.30 -32.41
C SER A 591 -4.23 -18.14 -33.80
N THR A 594 -5.15 -21.87 -30.61
CA THR A 594 -3.78 -22.39 -30.58
C THR A 594 -2.81 -21.45 -29.82
N SER A 595 -3.22 -21.04 -28.58
CA SER A 595 -2.47 -20.15 -27.70
C SER A 595 -1.54 -20.87 -26.73
N GLN A 596 -0.26 -20.50 -26.77
CA GLN A 596 0.82 -21.04 -25.93
C GLN A 596 1.50 -19.87 -25.17
N TRP A 597 1.54 -19.96 -23.82
CA TRP A 597 2.13 -18.93 -22.94
C TRP A 597 3.64 -18.97 -22.87
N VAL A 598 4.26 -17.77 -22.89
CA VAL A 598 5.71 -17.62 -22.87
C VAL A 598 6.16 -16.46 -21.92
N SER A 599 7.43 -16.49 -21.49
CA SER A 599 8.04 -15.49 -20.62
C SER A 599 9.46 -15.21 -21.08
N TYR A 600 9.71 -14.02 -21.62
CA TYR A 600 11.05 -13.64 -22.06
C TYR A 600 11.71 -12.84 -20.95
N THR A 601 12.68 -13.44 -20.23
CA THR A 601 13.39 -12.77 -19.15
C THR A 601 14.67 -12.14 -19.67
N ILE A 602 14.89 -10.86 -19.36
CA ILE A 602 16.09 -10.15 -19.80
C ILE A 602 16.92 -9.72 -18.60
N ASP A 603 18.25 -9.90 -18.69
CA ASP A 603 19.21 -9.51 -17.67
C ASP A 603 19.96 -8.32 -18.29
N PHE A 604 20.11 -7.23 -17.52
CA PHE A 604 20.79 -6.03 -18.01
C PHE A 604 22.20 -5.92 -17.48
N LYS A 605 22.81 -7.06 -17.11
CA LYS A 605 24.17 -7.10 -16.57
C LYS A 605 25.21 -6.50 -17.50
N ASP A 606 25.05 -6.70 -18.82
CA ASP A 606 26.05 -6.18 -19.73
C ASP A 606 25.74 -4.78 -20.21
N ILE A 607 24.46 -4.37 -20.10
CA ILE A 607 24.04 -3.02 -20.46
C ILE A 607 24.65 -2.08 -19.40
N LEU A 608 24.58 -2.50 -18.12
CA LEU A 608 25.14 -1.76 -16.98
C LEU A 608 26.30 -2.57 -16.41
N GLU A 609 27.40 -2.67 -17.21
CA GLU A 609 28.62 -3.41 -16.87
C GLU A 609 29.39 -2.80 -15.69
N ARG A 610 29.63 -1.47 -15.74
CA ARG A 610 30.36 -0.75 -14.73
C ARG A 610 29.54 -0.59 -13.45
N ASN A 611 30.19 -0.75 -12.30
CA ASN A 611 29.53 -0.56 -11.01
C ASN A 611 29.80 0.88 -10.58
N CYS A 612 28.75 1.52 -10.04
CA CYS A 612 28.77 2.91 -9.59
C CYS A 612 29.81 3.19 -8.54
N GLU A 613 30.37 4.38 -8.59
CA GLU A 613 31.35 4.83 -7.61
C GLU A 613 31.05 6.28 -7.20
N GLU A 614 31.62 6.75 -6.06
CA GLU A 614 31.44 8.10 -5.50
C GLU A 614 31.13 9.22 -6.54
N LYS A 615 31.93 9.30 -7.62
CA LYS A 615 31.80 10.33 -8.67
C LYS A 615 30.47 10.28 -9.43
N ASP A 616 29.82 9.10 -9.50
CA ASP A 616 28.53 8.93 -10.19
C ASP A 616 27.33 9.52 -9.42
N TYR A 617 27.55 9.92 -8.16
CA TYR A 617 26.53 10.47 -7.30
C TYR A 617 26.72 11.92 -7.06
N THR A 618 25.61 12.64 -7.09
CA THR A 618 25.55 14.06 -6.83
C THR A 618 24.69 14.34 -5.58
N ILE A 619 24.92 15.51 -4.96
CA ILE A 619 24.21 15.96 -3.76
C ILE A 619 22.89 16.59 -4.17
N TRP A 620 21.76 16.06 -3.63
CA TRP A 620 20.42 16.55 -3.91
C TRP A 620 19.56 16.76 -2.66
N LEU A 621 19.13 17.99 -2.41
CA LEU A 621 18.25 18.35 -1.28
C LEU A 621 16.81 18.08 -1.69
N ALA A 622 16.13 17.17 -0.97
CA ALA A 622 14.73 16.84 -1.21
C ALA A 622 13.85 17.96 -0.69
N HIS A 623 12.72 18.17 -1.38
CA HIS A 623 11.70 19.17 -1.05
C HIS A 623 12.19 20.62 -1.17
N SER A 624 13.17 20.88 -2.04
CA SER A 624 13.65 22.23 -2.25
C SER A 624 12.59 23.01 -3.02
N THR A 625 12.33 24.23 -2.55
CA THR A 625 11.30 25.16 -3.04
C THR A 625 11.91 26.54 -3.33
N ASP A 626 12.64 27.14 -2.36
CA ASP A 626 13.32 28.46 -2.45
C ASP A 626 14.76 28.24 -1.89
N PRO A 627 15.78 27.96 -2.74
CA PRO A 627 17.13 27.63 -2.21
C PRO A 627 17.84 28.68 -1.35
N GLU A 628 17.45 29.93 -1.44
CA GLU A 628 18.07 30.98 -0.63
C GLU A 628 17.48 31.00 0.81
N ASP A 629 16.62 30.01 1.13
CA ASP A 629 16.00 30.00 2.43
C ASP A 629 16.59 29.01 3.41
N TYR A 630 16.80 29.51 4.63
CA TYR A 630 17.34 28.78 5.77
C TYR A 630 16.53 27.52 6.04
N GLU A 631 15.21 27.63 5.85
CA GLU A 631 14.25 26.57 6.13
C GLU A 631 13.79 25.79 4.91
N ASP A 632 14.49 25.95 3.79
CA ASP A 632 14.18 25.28 2.55
C ASP A 632 14.36 23.79 2.68
N GLY A 633 13.30 23.07 2.39
CA GLY A 633 13.32 21.62 2.45
C GLY A 633 12.82 21.09 3.76
N CYS A 634 12.51 21.95 4.74
CA CYS A 634 12.01 21.47 6.02
C CYS A 634 10.61 20.84 5.84
N ILE A 635 10.52 19.53 6.08
CA ILE A 635 9.28 18.78 6.01
C ILE A 635 9.28 18.00 7.29
N LEU A 636 8.23 18.20 8.09
CA LEU A 636 8.09 17.57 9.41
C LEU A 636 9.32 17.90 10.32
N GLY A 637 9.76 19.14 10.21
CA GLY A 637 10.84 19.64 11.04
C GLY A 637 12.27 19.47 10.58
N TYR A 638 12.48 18.65 9.55
CA TYR A 638 13.85 18.44 9.10
C TYR A 638 13.97 18.34 7.58
N LYS A 639 15.22 18.51 7.09
CA LYS A 639 15.65 18.42 5.69
C LYS A 639 16.34 17.07 5.53
N GLU A 640 16.43 16.56 4.29
CA GLU A 640 17.15 15.36 3.92
C GLU A 640 17.85 15.69 2.61
N GLN A 641 19.19 15.69 2.69
CA GLN A 641 20.12 15.92 1.59
C GLN A 641 20.59 14.53 1.21
N PHE A 642 20.30 14.12 0.02
CA PHE A 642 20.64 12.81 -0.53
C PHE A 642 21.87 12.82 -1.42
N LEU A 643 22.40 11.61 -1.70
CA LEU A 643 23.47 11.37 -2.67
C LEU A 643 22.69 10.53 -3.68
N ARG A 644 22.54 11.07 -4.90
CA ARG A 644 21.77 10.49 -6.00
C ARG A 644 22.56 10.23 -7.25
N LEU A 645 22.23 9.15 -7.93
CA LEU A 645 22.84 8.75 -9.18
C LEU A 645 22.55 9.74 -10.31
N ARG A 646 23.65 10.16 -11.00
CA ARG A 646 23.60 11.10 -12.11
C ARG A 646 22.83 10.48 -13.25
N LYS A 647 21.96 11.30 -13.87
CA LYS A 647 21.17 10.84 -15.00
C LYS A 647 22.17 10.42 -16.08
N SER A 648 23.24 11.23 -16.26
CA SER A 648 24.34 11.01 -17.21
C SER A 648 25.08 9.68 -16.96
N SER A 649 25.43 9.37 -15.69
CA SER A 649 26.10 8.11 -15.32
C SER A 649 25.30 6.86 -15.68
N MET A 650 25.98 5.89 -16.30
CA MET A 650 25.28 4.67 -16.67
C MET A 650 26.05 3.47 -16.15
N CYS A 651 25.90 3.33 -14.85
CA CYS A 651 26.51 2.32 -14.02
C CYS A 651 25.44 1.61 -13.17
N GLN A 652 25.83 0.49 -12.53
CA GLN A 652 24.96 -0.32 -11.68
C GLN A 652 25.15 -0.05 -10.15
N ASN A 653 24.05 0.43 -9.46
CA ASN A 653 23.99 0.72 -8.02
C ASN A 653 24.33 -0.55 -7.20
N GLY A 654 23.82 -1.68 -7.67
CA GLY A 654 24.04 -2.98 -7.06
C GLY A 654 22.98 -3.39 -6.08
N ARG A 655 22.86 -4.70 -5.86
CA ARG A 655 21.91 -5.32 -4.96
C ARG A 655 22.08 -4.85 -3.50
N ASP A 656 23.30 -4.45 -3.12
CA ASP A 656 23.62 -4.02 -1.77
C ASP A 656 23.52 -2.48 -1.55
N TYR A 657 23.05 -1.74 -2.56
CA TYR A 657 22.92 -0.27 -2.51
C TYR A 657 22.09 0.25 -1.32
N VAL A 658 22.65 1.21 -0.63
CA VAL A 658 22.02 1.87 0.53
C VAL A 658 21.79 3.31 0.07
N VAL A 659 20.55 3.78 0.23
CA VAL A 659 20.21 5.15 -0.12
C VAL A 659 20.89 5.98 0.98
N THR A 660 21.71 6.93 0.58
CA THR A 660 22.43 7.76 1.51
C THR A 660 21.80 9.15 1.51
N LYS A 661 21.44 9.62 2.74
CA LYS A 661 20.81 10.90 3.06
C LYS A 661 21.41 11.45 4.33
N GLN A 662 21.16 12.73 4.61
CA GLN A 662 21.68 13.38 5.79
C GLN A 662 20.64 14.36 6.26
N PRO A 663 20.05 14.09 7.45
CA PRO A 663 19.02 15.00 7.97
C PRO A 663 19.62 16.28 8.51
N SER A 664 18.85 17.39 8.53
CA SER A 664 19.26 18.68 9.10
C SER A 664 18.04 19.14 9.91
N ILE A 665 18.15 19.18 11.25
CA ILE A 665 17.05 19.53 12.16
C ILE A 665 16.77 21.03 12.21
N CYS A 666 15.62 21.42 11.61
CA CYS A 666 15.20 22.81 11.56
C CYS A 666 14.53 23.30 12.83
N LEU A 667 14.48 24.65 12.97
CA LEU A 667 13.85 25.30 14.13
C LEU A 667 12.37 25.25 14.01
N CYS A 668 11.69 24.80 15.09
CA CYS A 668 10.23 24.76 15.19
C CYS A 668 9.62 26.11 14.97
N SER A 669 8.52 26.11 14.26
CA SER A 669 7.66 27.26 14.02
C SER A 669 6.29 26.70 14.49
N LEU A 670 5.23 27.52 14.53
CA LEU A 670 3.92 27.00 14.95
C LEU A 670 3.45 25.97 13.91
N GLU A 671 3.99 26.09 12.69
CA GLU A 671 3.71 25.24 11.55
C GLU A 671 3.99 23.77 11.80
N ASP A 672 4.79 23.46 12.84
CA ASP A 672 5.18 22.11 13.28
C ASP A 672 4.20 21.56 14.32
N PHE A 673 3.17 22.34 14.62
CA PHE A 673 2.16 21.92 15.59
C PHE A 673 0.81 21.91 14.98
N LEU A 674 0.00 20.99 15.46
CA LEU A 674 -1.41 20.95 15.05
C LEU A 674 -2.24 21.28 16.31
N CYS A 675 -3.45 21.84 16.14
CA CYS A 675 -4.35 22.18 17.27
C CYS A 675 -4.75 20.92 18.00
N ASP A 676 -4.67 20.94 19.34
CA ASP A 676 -5.04 19.81 20.18
C ASP A 676 -6.57 19.93 20.33
N PHE A 677 -7.21 19.04 21.11
CA PHE A 677 -8.65 19.14 21.26
C PHE A 677 -9.12 20.51 21.76
N GLY A 678 -10.15 21.04 21.10
CA GLY A 678 -10.76 22.32 21.45
C GLY A 678 -10.11 23.58 20.92
N TYR A 679 -9.09 23.42 20.06
CA TYR A 679 -8.39 24.58 19.49
C TYR A 679 -8.58 24.65 18.00
N TYR A 680 -8.44 25.84 17.40
CA TYR A 680 -8.64 26.05 15.97
C TYR A 680 -7.78 27.18 15.36
N ARG A 681 -7.59 27.12 14.03
CA ARG A 681 -6.81 28.07 13.26
C ARG A 681 -7.68 29.02 12.40
N PRO A 682 -7.91 30.26 12.87
CA PRO A 682 -8.73 31.20 12.07
C PRO A 682 -8.03 31.67 10.78
N GLU A 683 -8.82 31.72 9.68
CA GLU A 683 -8.49 32.14 8.30
C GLU A 683 -7.10 31.65 7.78
N ASN A 684 -6.10 32.57 7.60
CA ASN A 684 -4.75 32.33 7.10
C ASN A 684 -3.71 32.15 8.23
N ASP A 685 -4.00 32.73 9.44
CA ASP A 685 -3.18 32.69 10.66
C ASP A 685 -2.76 31.25 11.06
N SER A 686 -1.52 31.11 11.58
CA SER A 686 -0.94 29.82 11.99
C SER A 686 -1.01 29.55 13.52
N LYS A 687 -1.59 30.49 14.29
CA LYS A 687 -1.79 30.39 15.74
C LYS A 687 -3.07 29.54 16.02
N CYS A 688 -3.06 28.79 17.14
CA CYS A 688 -4.17 27.93 17.57
C CYS A 688 -4.94 28.59 18.70
N VAL A 689 -6.13 29.12 18.37
CA VAL A 689 -7.02 29.78 19.35
C VAL A 689 -8.14 28.83 19.80
N GLU A 690 -8.57 28.97 21.07
CA GLU A 690 -9.64 28.12 21.62
C GLU A 690 -10.94 28.32 20.86
N GLN A 691 -11.72 27.25 20.66
CA GLN A 691 -12.99 27.35 19.96
C GLN A 691 -14.01 28.12 20.80
N PRO A 692 -14.81 29.06 20.20
CA PRO A 692 -15.82 29.80 20.99
C PRO A 692 -16.69 28.80 21.77
N GLU A 693 -17.17 27.76 21.06
CA GLU A 693 -17.95 26.63 21.58
C GLU A 693 -17.94 25.43 20.59
N LEU A 694 -17.66 24.24 21.15
CA LEU A 694 -17.55 22.92 20.50
C LEU A 694 -18.89 22.44 19.89
N LYS A 695 -18.86 22.02 18.61
CA LYS A 695 -20.05 21.55 17.89
C LYS A 695 -19.84 20.26 17.11
N GLY A 696 -20.91 19.49 16.97
CA GLY A 696 -20.91 18.22 16.26
C GLY A 696 -20.18 17.14 17.02
N HIS A 697 -19.43 16.30 16.28
CA HIS A 697 -18.62 15.19 16.81
C HIS A 697 -17.58 15.68 17.83
N ASP A 698 -17.29 16.99 17.81
CA ASP A 698 -16.35 17.63 18.73
C ASP A 698 -17.01 17.73 20.09
N LEU A 699 -18.32 18.07 20.10
CA LEU A 699 -19.12 18.14 21.32
C LEU A 699 -19.27 16.72 21.91
N GLU A 700 -19.52 15.71 21.07
CA GLU A 700 -19.66 14.32 21.49
C GLU A 700 -18.45 13.90 22.30
N PHE A 701 -17.24 14.15 21.76
CA PHE A 701 -15.94 13.83 22.34
C PHE A 701 -15.77 14.57 23.65
N CYS A 702 -16.18 15.86 23.66
CA CYS A 702 -16.12 16.73 24.84
C CYS A 702 -16.92 16.20 26.02
N LEU A 703 -17.93 15.37 25.74
CA LEU A 703 -18.80 14.77 26.74
C LEU A 703 -18.30 13.38 27.09
N TYR A 704 -18.38 12.46 26.11
CA TYR A 704 -18.06 11.03 26.18
C TYR A 704 -16.55 10.66 26.10
N GLY A 705 -15.65 11.64 26.21
CA GLY A 705 -14.21 11.42 26.19
C GLY A 705 -13.60 11.40 27.58
N ARG A 706 -12.25 11.24 27.65
CA ARG A 706 -11.55 11.22 28.94
C ARG A 706 -10.60 12.43 29.14
N GLU A 707 -10.44 12.83 30.43
CA GLU A 707 -9.66 13.95 30.98
C GLU A 707 -8.39 14.31 30.18
N GLU A 708 -7.44 13.35 30.02
CA GLU A 708 -6.14 13.47 29.32
C GLU A 708 -6.21 14.22 27.96
N HIS A 709 -7.08 13.74 27.07
CA HIS A 709 -7.26 14.27 25.72
C HIS A 709 -7.93 15.64 25.68
N LEU A 710 -8.85 15.91 26.63
CA LEU A 710 -9.58 17.18 26.74
C LEU A 710 -8.77 18.24 27.51
N THR A 711 -7.78 17.81 28.31
CA THR A 711 -6.90 18.74 29.02
C THR A 711 -5.77 19.09 28.04
N THR A 712 -5.82 20.32 27.51
CA THR A 712 -4.87 20.83 26.49
C THR A 712 -4.25 22.20 26.99
N ASN A 713 -3.01 22.67 26.56
CA ASN A 713 -2.03 22.23 25.54
C ASN A 713 -2.65 22.60 24.20
N GLY A 714 -2.84 23.89 23.94
CA GLY A 714 -3.46 24.36 22.69
C GLY A 714 -2.91 23.73 21.42
N TYR A 715 -1.65 23.23 21.51
CA TYR A 715 -0.87 22.65 20.43
C TYR A 715 -0.33 21.28 20.75
N ARG A 716 -0.05 20.52 19.68
CA ARG A 716 0.54 19.20 19.70
C ARG A 716 1.53 19.08 18.51
N LYS A 717 2.74 18.53 18.76
CA LYS A 717 3.73 18.41 17.67
C LYS A 717 3.23 17.38 16.63
N ILE A 718 3.29 17.73 15.32
CA ILE A 718 2.87 16.84 14.25
C ILE A 718 3.55 15.48 14.45
N PRO A 719 2.83 14.34 14.30
CA PRO A 719 3.51 13.05 14.51
C PRO A 719 4.58 12.90 13.45
N GLY A 720 5.76 12.51 13.89
CA GLY A 720 6.93 12.33 13.03
C GLY A 720 7.69 13.62 12.79
N ASP A 721 7.24 14.70 13.45
CA ASP A 721 7.90 15.97 13.29
C ASP A 721 9.14 15.95 14.20
N LYS A 722 10.34 16.07 13.60
CA LYS A 722 11.60 16.04 14.34
C LYS A 722 12.29 17.42 14.50
N CYS A 723 11.57 18.52 14.47
CA CYS A 723 12.22 19.82 14.60
C CYS A 723 12.70 20.06 16.02
N GLN A 724 13.71 20.91 16.18
CA GLN A 724 14.22 21.24 17.52
C GLN A 724 14.56 22.70 17.56
N GLY A 725 14.44 23.29 18.75
CA GLY A 725 14.67 24.71 18.97
C GLY A 725 13.54 25.54 18.43
N GLY A 726 13.78 26.83 18.20
CA GLY A 726 12.75 27.73 17.70
C GLY A 726 11.64 27.91 18.69
N VAL A 727 10.38 27.90 18.19
CA VAL A 727 9.14 28.10 18.99
C VAL A 727 8.63 26.85 19.71
N ASN A 728 8.28 27.03 20.98
CA ASN A 728 7.67 25.97 21.78
C ASN A 728 6.45 26.60 22.46
N PRO A 729 5.21 26.28 21.99
CA PRO A 729 4.02 26.88 22.60
C PRO A 729 3.67 26.25 23.95
N VAL A 730 4.45 26.69 24.98
CA VAL A 730 4.40 26.30 26.39
C VAL A 730 3.05 26.74 26.98
N ARG A 731 2.12 25.78 27.01
CA ARG A 731 0.77 25.98 27.52
C ARG A 731 0.47 25.06 28.68
N GLU A 732 -0.08 25.65 29.76
CA GLU A 732 -0.52 25.00 30.98
C GLU A 732 -1.66 24.04 30.54
N VAL A 733 -1.52 22.74 30.86
CA VAL A 733 -2.47 21.68 30.48
C VAL A 733 -3.86 21.90 31.20
N LYS A 734 -4.69 22.82 30.60
CA LYS A 734 -6.03 23.28 31.01
C LYS A 734 -7.16 22.29 30.68
N ASP A 735 -7.85 21.75 31.72
CA ASP A 735 -8.97 20.81 31.61
C ASP A 735 -10.19 21.48 30.95
N LEU A 736 -10.74 20.86 29.89
CA LEU A 736 -11.86 21.45 29.14
C LEU A 736 -13.25 20.84 29.43
N LYS A 737 -13.36 19.80 30.30
CA LYS A 737 -14.66 19.20 30.64
C LYS A 737 -15.47 20.12 31.60
N LYS A 738 -15.26 21.42 31.45
CA LYS A 738 -15.90 22.49 32.17
C LYS A 738 -16.58 23.30 31.09
N LYS A 739 -15.88 23.61 29.98
CA LYS A 739 -16.43 24.37 28.87
C LYS A 739 -17.60 23.64 28.15
N CYS A 740 -17.64 22.29 28.21
CA CYS A 740 -18.75 21.51 27.61
C CYS A 740 -19.94 21.54 28.56
N THR A 741 -19.76 20.98 29.78
CA THR A 741 -20.72 20.88 30.89
C THR A 741 -21.23 22.25 31.35
N SER A 742 -20.54 23.33 30.89
CA SER A 742 -20.83 24.75 31.16
C SER A 742 -22.30 25.03 30.86
N ASN A 743 -22.77 24.60 29.67
CA ASN A 743 -24.15 24.80 29.21
C ASN A 743 -25.16 23.81 29.75
N PHE A 744 -24.77 22.54 29.98
CA PHE A 744 -25.62 21.48 30.48
C PHE A 744 -25.95 21.64 31.99
N LEU A 745 -27.26 21.52 32.36
CA LEU A 745 -27.65 21.53 33.77
C LEU A 745 -27.27 20.14 34.25
N SER A 746 -26.54 20.04 35.34
CA SER A 746 -26.07 18.73 35.79
C SER A 746 -26.56 18.33 37.18
N PRO A 747 -26.73 17.01 37.45
CA PRO A 747 -27.12 16.58 38.80
C PRO A 747 -26.02 16.68 39.91
N GLU A 748 -26.44 16.39 41.17
CA GLU A 748 -25.65 16.42 42.41
C GLU A 748 -24.43 15.50 42.42
C1 NAG B . 4.65 5.74 3.08
C2 NAG B . 4.35 5.31 4.51
C3 NAG B . 5.62 5.41 5.36
C4 NAG B . 6.79 4.66 4.71
C5 NAG B . 6.98 5.17 3.28
C6 NAG B . 8.05 4.46 2.50
C7 NAG B . 2.36 5.76 5.92
C8 NAG B . 1.52 6.83 6.56
N2 NAG B . 3.31 6.18 5.06
O3 NAG B . 5.39 4.96 6.69
O4 NAG B . 7.95 4.92 5.48
O5 NAG B . 5.76 5.00 2.55
O6 NAG B . 7.67 3.12 2.23
O7 NAG B . 2.19 4.57 6.20
C1 NAG B . 8.95 3.94 5.63
C2 NAG B . 10.26 4.71 5.84
C3 NAG B . 11.42 3.82 6.34
C4 NAG B . 10.95 2.92 7.47
C5 NAG B . 9.69 2.15 7.08
C6 NAG B . 9.14 1.28 8.19
C7 NAG B . 10.38 6.78 4.48
C8 NAG B . 10.45 7.28 3.07
N2 NAG B . 10.67 5.47 4.66
O3 NAG B . 12.43 4.68 6.83
O4 NAG B . 12.01 2.02 7.80
O5 NAG B . 8.64 3.06 6.71
O6 NAG B . 10.10 0.28 8.59
O7 NAG B . 10.07 7.52 5.41
C1 NAG C . 19.57 -11.95 -12.32
C2 NAG C . 20.19 -11.47 -11.02
C3 NAG C . 21.48 -12.24 -10.66
C4 NAG C . 21.22 -13.75 -10.73
C5 NAG C . 20.64 -14.12 -12.10
C6 NAG C . 20.28 -15.58 -12.19
C7 NAG C . 20.26 -9.22 -10.05
C8 NAG C . 21.03 -7.93 -10.08
N2 NAG C . 20.46 -10.05 -11.08
O3 NAG C . 21.89 -11.83 -9.36
O4 NAG C . 22.43 -14.50 -10.54
O5 NAG C . 19.44 -13.38 -12.33
O6 NAG C . 19.80 -15.93 -13.49
O7 NAG C . 19.51 -9.51 -9.13
C1 NAG C . 22.84 -14.85 -9.22
C2 NAG C . 23.38 -16.28 -9.18
C3 NAG C . 23.73 -16.56 -7.72
C4 NAG C . 24.80 -15.59 -7.23
C5 NAG C . 24.36 -14.14 -7.46
C6 NAG C . 25.48 -13.14 -7.29
C7 NAG C . 22.59 -17.86 -10.91
C8 NAG C . 21.63 -18.97 -11.21
N2 NAG C . 22.45 -17.28 -9.69
O3 NAG C . 24.19 -17.91 -7.58
O4 NAG C . 25.11 -15.83 -5.85
O5 NAG C . 23.90 -13.99 -8.82
O6 NAG C . 25.13 -11.88 -7.85
O7 NAG C . 23.44 -17.50 -11.72
C2 UMJ D . -15.07 -4.66 7.89
C3 UMJ D . -16.45 -4.72 7.75
C5 UMJ D . -16.52 -2.36 7.37
C7 UMJ D . -12.67 -0.42 10.52
C9 UMJ D . -14.77 -0.11 9.92
C10 UMJ D . -16.22 0.23 9.85
C11 UMJ D . -11.36 -0.47 11.28
C12 UMJ D . -10.68 0.89 11.22
C13 UMJ D . -11.62 -0.81 12.75
O1 UMJ D . -16.64 0.67 8.76
O UMJ D . -16.90 0.02 10.87
C8 UMJ D . -13.92 -0.02 11.00
C14 UMJ D . -10.42 -1.51 10.67
N1 UMJ D . -12.72 -0.74 9.24
N UMJ D . -14.02 -0.55 8.88
C6 UMJ D . -14.44 -0.94 7.53
C UMJ D . -15.14 -2.27 7.53
C4 UMJ D . -17.17 -3.57 7.49
C1 UMJ D . -14.43 -3.44 7.77
C1 GOL E . 1.17 -14.52 -15.95
O1 GOL E . -0.25 -14.36 -15.88
C2 GOL E . 1.88 -13.18 -15.86
O2 GOL E . 1.24 -12.22 -16.71
C3 GOL E . 2.00 -12.66 -14.43
O3 GOL E . 2.88 -11.54 -14.33
#